data_3UWL
#
_entry.id   3UWL
#
_cell.length_a   71.940
_cell.length_b   94.250
_cell.length_c   96.190
_cell.angle_alpha   90.00
_cell.angle_beta   95.01
_cell.angle_gamma   90.00
#
_symmetry.space_group_name_H-M   'P 1 21 1'
#
loop_
_entity.id
_entity.type
_entity.pdbx_description
1 polymer 'Thymidylate synthase'
2 polymer 'Thymidylate synthase'
3 non-polymer 'SULFATE ION'
4 non-polymer 'N-[4-({[(6S)-2-amino-5-formyl-4-oxo-3,4,5,6,7,8-hexahydropteridin-6-yl]methyl}amino)benzoyl]-L-glutamic acid'
5 non-polymer 1,2-ETHANEDIOL
6 water water
#
loop_
_entity_poly.entity_id
_entity_poly.type
_entity_poly.pdbx_seq_one_letter_code
_entity_poly.pdbx_strand_id
1 'polypeptide(L)'
;MEEAYLALGKKILEEGHFKEDRTGTGTYSLFGYQMRFDLAKGFPLLTTKRVPFGLIKSELLWFLKGDTNIRYLLERNNHI
WDEWAFERYVKSADYQGPDMTDFGHRVLQDPAFAEQYKEEHQKFCDAILNDAEFAEKYGELGNIYGAQWRHWETKDGSFI
DQLANVIEMIKTNPDSRRLIVSAWNPEDVPSMALPPCHTMFQFYVNEGKLSCQLYQRSADVFLGVPFNIASYALLTHLIA
HETGLEVGEFVHTLGDAHLYQNHVEQMQEQLSREVRSFPTLVLNPDKASVFDFDMEDIKVEGYDPHPTIKAPIAV
;
A,C
2 'polypeptide(L)'
;MEEAYLALGKKILEEGHFKEDRTGTGTYSLFGYQMRFDLAKGFPLLTTKRVPFGLIKSELLWFLKGDTNIRYLLERNNHI
WDEWAFERYVKSADYQGPDMTDFGHRVLQDPAFAEQYKEEHQKFCDAILNDAEFAEKYGELGNIYGAQWRHWETKDGSFI
DQLANVIEMIKTNPDSRRLIVSAWNPEDVPSMALPP(CME)HTMFQFYVNEGKLSCQLYQRSADVFLGVPFNIASYALLT
HLIAHETGLEVGEFVHTLGDAHLYQNHVEQMQEQLSREVRSFPTLVLNPDKASVFDFDMEDIKVEGYDPHPTIKAPIAV
;
B,D
#
loop_
_chem_comp.id
_chem_comp.type
_chem_comp.name
_chem_comp.formula
EDO non-polymer 1,2-ETHANEDIOL 'C2 H6 O2'
FFO non-polymer 'N-[4-({[(6S)-2-amino-5-formyl-4-oxo-3,4,5,6,7,8-hexahydropteridin-6-yl]methyl}amino)benzoyl]-L-glutamic acid' 'C20 H23 N7 O7'
SO4 non-polymer 'SULFATE ION' 'O4 S -2'
#
# COMPACT_ATOMS: atom_id res chain seq x y z
N MET A 1 -6.74 0.09 17.41
CA MET A 1 -8.11 -0.37 17.79
C MET A 1 -8.06 -0.64 19.27
N GLU A 2 -9.14 -0.38 19.97
CA GLU A 2 -9.25 -0.80 21.37
C GLU A 2 -9.05 -2.32 21.55
N GLU A 3 -9.48 -3.09 20.56
CA GLU A 3 -9.31 -4.55 20.52
C GLU A 3 -7.85 -4.95 20.70
N ALA A 4 -6.93 -4.11 20.25
CA ALA A 4 -5.51 -4.42 20.39
C ALA A 4 -5.04 -4.28 21.83
N TYR A 5 -5.59 -3.31 22.55
CA TYR A 5 -5.28 -3.16 23.98
C TYR A 5 -5.90 -4.34 24.76
N LEU A 6 -7.15 -4.67 24.44
CA LEU A 6 -7.82 -5.81 25.12
C LEU A 6 -7.11 -7.13 24.86
N ALA A 7 -6.63 -7.32 23.64
CA ALA A 7 -5.87 -8.51 23.28
C ALA A 7 -4.58 -8.65 24.14
N LEU A 8 -3.89 -7.54 24.38
CA LEU A 8 -2.76 -7.54 25.30
C LEU A 8 -3.13 -7.99 26.74
N GLY A 9 -4.15 -7.38 27.33
CA GLY A 9 -4.66 -7.82 28.65
C GLY A 9 -5.02 -9.30 28.67
N LYS A 10 -5.72 -9.78 27.63
CA LYS A 10 -6.09 -11.20 27.53
C LYS A 10 -4.84 -12.09 27.44
N LYS A 11 -3.86 -11.72 26.61
CA LYS A 11 -2.66 -12.56 26.44
C LYS A 11 -1.84 -12.65 27.72
N ILE A 12 -1.76 -11.54 28.45
CA ILE A 12 -1.09 -11.51 29.75
C ILE A 12 -1.80 -12.41 30.79
N LEU A 13 -3.12 -12.38 30.83
CA LEU A 13 -3.88 -13.29 31.69
C LEU A 13 -3.61 -14.78 31.33
N GLU A 14 -3.51 -15.05 30.05
CA GLU A 14 -3.44 -16.42 29.59
C GLU A 14 -2.04 -17.00 29.66
N GLU A 15 -1.05 -16.18 29.33
CA GLU A 15 0.33 -16.65 29.28
C GLU A 15 1.44 -15.77 29.84
N GLY A 16 1.09 -14.74 30.62
CA GLY A 16 2.10 -13.88 31.24
C GLY A 16 2.88 -14.64 32.30
N HIS A 17 4.13 -14.25 32.53
CA HIS A 17 5.00 -14.88 33.55
C HIS A 17 4.83 -14.26 34.91
N PHE A 18 4.61 -15.10 35.91
CA PHE A 18 4.45 -14.59 37.25
C PHE A 18 5.80 -14.30 37.90
N LYS A 19 5.88 -13.18 38.61
CA LYS A 19 7.09 -12.76 39.32
C LYS A 19 6.59 -12.08 40.60
N GLU A 20 7.38 -12.23 41.67
CA GLU A 20 7.07 -11.55 42.92
C GLU A 20 8.28 -10.73 43.31
N ASP A 21 8.12 -9.41 43.43
CA ASP A 21 9.29 -8.57 43.73
C ASP A 21 9.72 -8.65 45.19
N ARG A 22 10.75 -7.90 45.56
CA ARG A 22 11.40 -8.05 46.88
C ARG A 22 10.44 -7.83 48.06
N THR A 23 9.30 -7.18 47.80
CA THR A 23 8.38 -6.77 48.88
C THR A 23 7.03 -7.49 48.88
N GLY A 24 6.85 -8.48 48.01
CA GLY A 24 5.58 -9.20 47.95
C GLY A 24 4.63 -8.82 46.80
N THR A 25 5.00 -7.83 45.99
CA THR A 25 4.17 -7.43 44.84
C THR A 25 4.28 -8.43 43.68
N GLY A 26 3.17 -9.06 43.34
CA GLY A 26 3.11 -9.96 42.19
C GLY A 26 2.72 -9.31 40.87
N THR A 27 3.34 -9.79 39.80
CA THR A 27 2.96 -9.39 38.45
C THR A 27 2.88 -10.58 37.49
N TYR A 28 2.12 -10.40 36.41
CA TYR A 28 2.17 -11.28 35.25
C TYR A 28 2.65 -10.43 34.11
N SER A 29 3.71 -10.87 33.41
CA SER A 29 4.31 -9.99 32.40
C SER A 29 4.64 -10.69 31.09
N LEU A 30 4.80 -9.91 30.02
CA LEU A 30 5.47 -10.38 28.84
C LEU A 30 6.41 -9.31 28.36
N PHE A 31 7.24 -9.68 27.41
CA PHE A 31 8.26 -8.82 26.96
C PHE A 31 8.26 -8.66 25.48
N GLY A 32 8.10 -7.41 25.03
CA GLY A 32 8.09 -7.09 23.63
C GLY A 32 6.67 -7.24 23.09
N TYR A 33 6.04 -6.12 22.81
CA TYR A 33 4.65 -6.11 22.33
C TYR A 33 4.51 -4.81 21.53
N GLN A 34 3.58 -4.76 20.60
CA GLN A 34 3.38 -3.57 19.76
C GLN A 34 1.87 -3.45 19.42
N MET A 35 1.30 -2.27 19.63
CA MET A 35 -0.12 -1.99 19.26
C MET A 35 -0.13 -0.78 18.31
N ARG A 36 -1.10 -0.74 17.39
CA ARG A 36 -1.20 0.39 16.44
C ARG A 36 -2.58 1.03 16.61
N PHE A 37 -2.61 2.36 16.64
CA PHE A 37 -3.86 3.09 16.68
C PHE A 37 -3.87 4.03 15.47
N ASP A 38 -4.78 3.74 14.52
CA ASP A 38 -5.03 4.62 13.37
C ASP A 38 -5.89 5.77 13.87
N LEU A 39 -5.26 6.94 14.01
CA LEU A 39 -5.91 8.09 14.60
C LEU A 39 -7.06 8.65 13.76
N ALA A 40 -7.15 8.26 12.48
CA ALA A 40 -8.29 8.65 11.64
C ALA A 40 -9.58 7.91 12.03
N LYS A 41 -9.46 6.80 12.74
CA LYS A 41 -10.61 6.00 13.14
C LYS A 41 -11.21 6.53 14.44
N GLY A 42 -10.49 7.44 15.07
CA GLY A 42 -11.01 8.09 16.26
C GLY A 42 -9.95 8.22 17.34
N PHE A 43 -10.25 9.00 18.36
CA PHE A 43 -9.21 9.29 19.35
C PHE A 43 -9.24 8.18 20.41
N PRO A 44 -8.10 7.45 20.61
CA PRO A 44 -8.07 6.23 21.43
C PRO A 44 -8.15 6.41 22.96
N LEU A 45 -9.23 7.02 23.40
CA LEU A 45 -9.56 7.11 24.81
C LEU A 45 -10.49 5.93 25.00
N LEU A 46 -10.09 5.00 25.87
CA LEU A 46 -10.74 3.67 25.95
C LEU A 46 -12.22 3.73 26.26
N THR A 47 -13.01 2.88 25.60
CA THR A 47 -14.43 2.89 25.83
C THR A 47 -14.88 1.79 26.82
N THR A 48 -14.02 0.80 27.05
CA THR A 48 -14.41 -0.35 27.90
C THR A 48 -14.30 0.01 29.37
N LYS A 49 -13.71 1.19 29.64
CA LYS A 49 -13.78 1.83 30.96
C LYS A 49 -13.55 3.34 30.81
N ARG A 50 -14.09 4.12 31.75
CA ARG A 50 -13.88 5.58 31.73
C ARG A 50 -12.44 5.84 32.11
N VAL A 51 -11.79 6.58 31.23
CA VAL A 51 -10.43 7.08 31.41
C VAL A 51 -10.61 8.61 31.51
N PRO A 52 -10.12 9.23 32.62
CA PRO A 52 -10.32 10.69 32.76
C PRO A 52 -9.30 11.51 31.95
N PHE A 53 -9.81 12.27 31.00
CA PHE A 53 -8.99 12.96 29.99
C PHE A 53 -8.43 14.30 30.49
N GLY A 54 -9.10 14.95 31.45
CA GLY A 54 -8.63 16.21 32.04
C GLY A 54 -7.19 16.14 32.49
N LEU A 55 -6.89 15.11 33.29
CA LEU A 55 -5.58 14.93 33.88
C LEU A 55 -4.53 14.62 32.82
N ILE A 56 -4.92 13.87 31.80
CA ILE A 56 -4.03 13.56 30.69
C ILE A 56 -3.60 14.85 29.99
N LYS A 57 -4.56 15.72 29.70
CA LYS A 57 -4.23 16.91 28.92
C LYS A 57 -3.48 18.00 29.69
N SER A 58 -3.74 18.18 30.99
CA SER A 58 -2.97 19.18 31.76
C SER A 58 -1.54 18.68 31.98
N GLU A 59 -1.39 17.39 32.27
CA GLU A 59 -0.04 16.76 32.28
C GLU A 59 0.74 16.95 30.98
N LEU A 60 0.14 16.54 29.86
CA LEU A 60 0.81 16.65 28.54
C LEU A 60 1.17 18.11 28.19
N LEU A 61 0.27 19.02 28.50
CA LEU A 61 0.52 20.44 28.26
C LEU A 61 1.72 20.93 29.10
N TRP A 62 1.78 20.45 30.35
CA TRP A 62 2.85 20.73 31.28
C TRP A 62 4.22 20.24 30.73
N PHE A 63 4.28 19.01 30.23
CA PHE A 63 5.49 18.50 29.58
C PHE A 63 5.89 19.36 28.35
N LEU A 64 4.90 19.67 27.52
CA LEU A 64 5.14 20.34 26.24
C LEU A 64 5.79 21.69 26.37
N LYS A 65 5.37 22.48 27.36
CA LYS A 65 6.03 23.75 27.64
C LYS A 65 7.29 23.63 28.49
N GLY A 66 7.70 22.40 28.83
CA GLY A 66 8.97 22.18 29.53
C GLY A 66 8.92 22.64 30.99
N ASP A 67 7.72 22.78 31.53
CA ASP A 67 7.57 23.21 32.93
C ASP A 67 7.83 22.01 33.85
N THR A 68 8.64 22.23 34.88
CA THR A 68 8.93 21.19 35.88
C THR A 68 8.42 21.58 37.29
N ASN A 69 7.71 22.71 37.37
CA ASN A 69 7.14 23.25 38.63
C ASN A 69 5.66 22.89 38.73
N ILE A 70 5.23 22.36 39.85
CA ILE A 70 3.86 21.83 39.92
C ILE A 70 2.76 22.90 39.96
N ARG A 71 3.11 24.17 40.16
CA ARG A 71 2.10 25.21 40.18
C ARG A 71 1.11 25.15 39.00
N TYR A 72 1.63 24.90 37.80
CA TYR A 72 0.81 24.83 36.61
C TYR A 72 -0.28 23.74 36.74
N LEU A 73 0.10 22.63 37.36
CA LEU A 73 -0.79 21.47 37.53
C LEU A 73 -1.87 21.73 38.59
N LEU A 74 -1.47 22.32 39.72
CA LEU A 74 -2.43 22.65 40.79
C LEU A 74 -3.51 23.63 40.33
N GLU A 75 -3.11 24.66 39.57
CA GLU A 75 -4.07 25.61 39.01
C GLU A 75 -5.16 24.90 38.25
N ARG A 76 -4.83 23.73 37.71
CA ARG A 76 -5.71 22.94 36.84
C ARG A 76 -6.21 21.67 37.53
N ASN A 77 -6.04 21.63 38.86
CA ASN A 77 -6.56 20.52 39.68
C ASN A 77 -5.97 19.14 39.29
N ASN A 78 -4.72 19.17 38.85
CA ASN A 78 -3.96 17.94 38.60
C ASN A 78 -3.04 17.72 39.81
N HIS A 79 -3.25 16.61 40.51
CA HIS A 79 -2.57 16.37 41.79
C HIS A 79 -1.63 15.19 41.76
N ILE A 80 -1.37 14.67 40.56
CA ILE A 80 -0.75 13.36 40.44
C ILE A 80 0.75 13.45 40.72
N TRP A 81 1.31 14.66 40.62
CA TRP A 81 2.74 14.92 40.89
C TRP A 81 3.02 15.58 42.25
N ASP A 82 2.06 15.51 43.18
CA ASP A 82 2.09 16.16 44.52
C ASP A 82 2.98 15.54 45.63
N GLU A 83 3.23 14.23 45.57
CA GLU A 83 3.90 13.53 46.67
C GLU A 83 5.37 13.88 46.78
N TRP A 84 6.07 13.82 45.65
CA TRP A 84 7.51 14.09 45.61
C TRP A 84 7.80 15.60 45.72
N ALA A 85 6.78 16.34 46.17
CA ALA A 85 6.91 17.76 46.46
C ALA A 85 6.54 18.04 47.91
N PHE A 86 5.40 17.50 48.34
CA PHE A 86 4.97 17.61 49.73
C PHE A 86 5.88 16.81 50.66
N GLU A 87 6.36 15.66 50.18
CA GLU A 87 7.33 14.82 50.92
C GLU A 87 8.62 15.62 51.16
N ARG A 88 9.10 16.27 50.11
CA ARG A 88 10.27 17.15 50.20
C ARG A 88 10.09 18.23 51.28
N TYR A 89 8.93 18.88 51.25
CA TYR A 89 8.67 20.04 52.10
C TYR A 89 8.60 19.70 53.59
N VAL A 90 8.01 18.56 53.94
CA VAL A 90 7.84 18.23 55.36
C VAL A 90 9.14 17.76 56.03
N LYS A 91 10.14 17.46 55.20
CA LYS A 91 11.48 17.09 55.66
C LYS A 91 12.43 18.28 55.63
N SER A 92 12.00 19.38 55.02
CA SER A 92 12.81 20.60 54.96
C SER A 92 12.98 21.23 56.35
N ALA A 93 13.57 22.42 56.40
CA ALA A 93 13.76 23.15 57.64
C ALA A 93 12.46 23.83 58.07
N ASP A 94 11.84 24.59 57.17
CA ASP A 94 10.67 25.39 57.54
C ASP A 94 9.36 24.63 57.42
N TYR A 95 9.13 23.73 58.36
CA TYR A 95 7.88 23.01 58.49
C TYR A 95 7.61 22.70 59.97
N GLN A 96 6.34 22.68 60.40
CA GLN A 96 5.99 22.34 61.80
C GLN A 96 4.82 21.33 61.94
N GLY A 97 5.12 20.16 62.50
CA GLY A 97 4.16 19.04 62.57
C GLY A 97 2.82 19.41 63.20
N GLU A 119 -4.57 17.54 55.92
CA GLU A 119 -4.97 18.93 55.94
C GLU A 119 -3.79 19.87 55.69
N GLU A 120 -2.65 19.58 56.33
CA GLU A 120 -1.41 20.35 56.17
C GLU A 120 -1.00 20.37 54.71
N HIS A 121 -1.42 19.33 53.98
CA HIS A 121 -1.24 19.26 52.53
C HIS A 121 -1.89 20.46 51.85
N GLN A 122 -3.07 20.86 52.32
CA GLN A 122 -3.79 22.00 51.74
C GLN A 122 -3.04 23.33 51.96
N LYS A 123 -2.47 23.50 53.14
CA LYS A 123 -1.67 24.69 53.46
C LYS A 123 -0.47 24.80 52.53
N PHE A 124 0.12 23.64 52.19
CA PHE A 124 1.21 23.56 51.24
C PHE A 124 0.71 23.88 49.83
N CYS A 125 -0.43 23.31 49.46
CA CYS A 125 -1.01 23.53 48.14
C CYS A 125 -1.40 24.98 47.92
N ASP A 126 -1.88 25.65 48.98
CA ASP A 126 -2.26 27.04 48.86
C ASP A 126 -1.07 27.97 48.68
N ALA A 127 0.00 27.72 49.43
CA ALA A 127 1.22 28.52 49.35
C ALA A 127 1.88 28.39 47.98
N ILE A 128 1.95 27.16 47.44
CA ILE A 128 2.46 26.97 46.08
C ILE A 128 1.70 27.89 45.13
N LEU A 129 0.39 28.00 45.36
CA LEU A 129 -0.46 28.74 44.42
C LEU A 129 -0.42 30.24 44.63
N ASN A 130 -0.41 30.66 45.90
CA ASN A 130 -0.55 32.08 46.27
C ASN A 130 0.73 32.75 46.79
N ASP A 131 1.89 32.15 46.51
CA ASP A 131 3.18 32.70 46.95
C ASP A 131 4.31 32.25 46.03
N ALA A 132 4.80 33.17 45.20
CA ALA A 132 5.77 32.88 44.15
C ALA A 132 7.08 32.23 44.65
N GLU A 133 7.72 32.81 45.65
CA GLU A 133 9.02 32.30 46.12
C GLU A 133 8.92 30.88 46.68
N PHE A 134 7.85 30.62 47.43
CA PHE A 134 7.58 29.29 47.96
C PHE A 134 7.46 28.27 46.82
N ALA A 135 6.86 28.70 45.70
CA ALA A 135 6.68 27.86 44.51
C ALA A 135 8.03 27.43 43.92
N GLU A 136 8.94 28.37 43.75
CA GLU A 136 10.27 28.09 43.24
C GLU A 136 11.02 27.15 44.18
N LYS A 137 10.86 27.39 45.49
CA LYS A 137 11.59 26.63 46.51
C LYS A 137 11.06 25.22 46.71
N TYR A 138 9.74 25.07 46.61
CA TYR A 138 9.12 23.78 46.90
C TYR A 138 8.27 23.11 45.80
N GLY A 139 7.91 23.86 44.76
CA GLY A 139 7.16 23.33 43.64
C GLY A 139 8.01 22.74 42.51
N GLU A 140 9.33 22.93 42.59
CA GLU A 140 10.21 22.50 41.52
C GLU A 140 10.48 21.00 41.58
N LEU A 141 10.08 20.27 40.55
CA LEU A 141 10.50 18.88 40.42
C LEU A 141 11.82 18.91 39.68
N GLY A 142 12.53 17.80 39.63
CA GLY A 142 13.82 17.86 38.99
C GLY A 142 13.78 17.52 37.50
N ASN A 143 14.47 16.43 37.22
CA ASN A 143 14.75 15.92 35.91
C ASN A 143 13.59 15.02 35.47
N ILE A 144 12.50 15.63 35.03
CA ILE A 144 11.36 14.87 34.47
C ILE A 144 11.03 15.34 33.05
N TYR A 145 9.96 14.80 32.46
CA TYR A 145 9.67 14.91 31.00
C TYR A 145 9.83 16.31 30.42
N GLY A 146 9.19 17.31 31.04
CA GLY A 146 9.33 18.72 30.60
C GLY A 146 10.80 19.04 30.31
N ALA A 147 11.68 18.72 31.27
CA ALA A 147 13.11 19.06 31.19
C ALA A 147 13.83 18.22 30.13
N GLN A 148 13.60 16.92 30.12
CA GLN A 148 14.21 16.05 29.13
C GLN A 148 13.81 16.42 27.70
N TRP A 149 12.53 16.74 27.47
CA TRP A 149 12.03 17.01 26.10
C TRP A 149 12.48 18.37 25.54
N ARG A 150 12.61 19.36 26.43
CA ARG A 150 12.85 20.73 26.02
C ARG A 150 14.19 21.36 26.46
N HIS A 151 14.93 20.72 27.37
CA HIS A 151 16.03 21.39 28.08
C HIS A 151 17.08 20.35 28.52
N TRP A 152 17.58 19.58 27.56
CA TRP A 152 18.54 18.49 27.83
C TRP A 152 19.92 19.08 27.97
N GLU A 153 20.50 18.99 29.17
CA GLU A 153 21.78 19.62 29.48
C GLU A 153 22.99 18.99 28.81
N THR A 154 23.93 19.80 28.34
CA THR A 154 25.14 19.28 27.70
C THR A 154 26.37 19.46 28.61
N LYS A 155 27.50 18.89 28.22
CA LYS A 155 28.76 19.00 28.99
C LYS A 155 29.24 20.42 29.32
N ASP A 156 29.13 21.35 28.36
CA ASP A 156 29.59 22.74 28.57
C ASP A 156 28.53 23.64 29.25
N GLY A 157 27.39 23.05 29.64
CA GLY A 157 26.37 23.79 30.39
C GLY A 157 25.30 24.43 29.55
N SER A 158 25.28 24.21 28.24
CA SER A 158 24.13 24.63 27.43
C SER A 158 23.09 23.50 27.34
N PHE A 159 22.03 23.74 26.57
CA PHE A 159 20.86 22.87 26.59
C PHE A 159 20.40 22.61 25.16
N ILE A 160 19.88 21.41 24.91
CA ILE A 160 19.30 21.03 23.63
C ILE A 160 17.79 20.91 23.84
N ASP A 161 17.03 21.60 23.01
CA ASP A 161 15.57 21.53 23.06
C ASP A 161 15.12 20.50 22.00
N GLN A 162 15.12 19.23 22.38
CA GLN A 162 14.88 18.16 21.44
C GLN A 162 13.53 18.31 20.75
N LEU A 163 12.52 18.74 21.49
CA LEU A 163 11.18 18.70 20.92
C LEU A 163 11.02 19.82 19.90
N ALA A 164 11.48 21.01 20.26
CA ALA A 164 11.39 22.12 19.31
C ALA A 164 12.18 21.83 18.04
N ASN A 165 13.38 21.23 18.18
CA ASN A 165 14.16 20.80 17.02
C ASN A 165 13.47 19.79 16.15
N VAL A 166 12.77 18.83 16.77
CA VAL A 166 12.08 17.81 16.00
C VAL A 166 10.92 18.45 15.21
N ILE A 167 10.22 19.42 15.82
CA ILE A 167 9.13 20.14 15.15
C ILE A 167 9.62 20.87 13.89
N GLU A 168 10.76 21.55 13.99
CA GLU A 168 11.30 22.26 12.85
C GLU A 168 11.76 21.29 11.76
N MET A 169 12.26 20.14 12.15
CA MET A 169 12.68 19.09 11.21
C MET A 169 11.48 18.56 10.45
N ILE A 170 10.35 18.38 11.15
CA ILE A 170 9.13 17.91 10.50
C ILE A 170 8.65 18.91 9.43
N LYS A 171 8.64 20.20 9.79
CA LYS A 171 8.31 21.27 8.79
C LYS A 171 9.28 21.33 7.61
N THR A 172 10.56 21.10 7.83
CA THR A 172 11.56 21.44 6.80
C THR A 172 12.20 20.21 6.12
N ASN A 173 12.09 19.06 6.76
CA ASN A 173 12.74 17.85 6.28
C ASN A 173 11.89 16.63 6.68
N PRO A 174 10.63 16.58 6.20
CA PRO A 174 9.68 15.55 6.65
C PRO A 174 10.12 14.10 6.40
N ASP A 175 10.95 13.87 5.40
CA ASP A 175 11.43 12.52 5.11
C ASP A 175 12.47 12.03 6.13
N SER A 176 13.00 12.91 6.96
CA SER A 176 13.98 12.52 7.99
C SER A 176 13.67 11.23 8.76
N ARG A 177 14.67 10.36 8.86
CA ARG A 177 14.55 9.16 9.72
C ARG A 177 15.15 9.43 11.12
N ARG A 178 15.39 10.71 11.42
CA ARG A 178 15.99 11.11 12.71
C ARG A 178 15.08 11.92 13.61
N LEU A 179 13.76 11.75 13.52
CA LEU A 179 12.84 12.59 14.28
C LEU A 179 12.61 12.00 15.67
N ILE A 180 13.63 12.11 16.53
CA ILE A 180 13.70 11.32 17.76
C ILE A 180 13.78 12.24 18.94
N VAL A 181 13.09 11.91 20.02
CA VAL A 181 13.17 12.61 21.29
C VAL A 181 13.48 11.49 22.31
N SER A 182 14.57 11.62 23.05
CA SER A 182 14.94 10.59 24.05
C SER A 182 14.69 11.18 25.42
N ALA A 183 14.25 10.33 26.34
CA ALA A 183 14.11 10.74 27.75
C ALA A 183 15.18 10.03 28.60
N TRP A 184 16.14 9.35 27.95
CA TRP A 184 17.03 8.41 28.65
C TRP A 184 18.49 8.84 28.73
N ASN A 185 18.90 9.37 29.89
CA ASN A 185 20.30 9.69 30.14
C ASN A 185 20.94 8.78 31.20
N PRO A 186 21.84 7.86 30.81
CA PRO A 186 22.38 6.94 31.84
C PRO A 186 23.18 7.65 32.93
N GLU A 187 23.63 8.88 32.68
CA GLU A 187 24.25 9.67 33.74
C GLU A 187 23.27 9.94 34.86
N ASP A 188 21.99 10.15 34.51
CA ASP A 188 21.03 10.67 35.47
C ASP A 188 20.12 9.61 36.09
N VAL A 189 19.90 8.53 35.33
CA VAL A 189 18.98 7.46 35.76
C VAL A 189 19.24 6.79 37.16
N PRO A 190 20.49 6.43 37.54
CA PRO A 190 20.65 5.67 38.78
C PRO A 190 20.29 6.51 40.03
N SER A 191 20.11 7.80 39.79
CA SER A 191 20.07 8.84 40.77
C SER A 191 18.63 9.28 40.98
N MET A 192 17.75 8.96 40.02
CA MET A 192 16.43 9.55 40.05
C MET A 192 15.40 8.65 40.72
N ALA A 193 14.42 9.31 41.37
CA ALA A 193 13.32 8.63 42.05
C ALA A 193 12.50 7.81 41.08
N LEU A 194 12.26 8.38 39.90
CA LEU A 194 11.41 7.73 38.90
C LEU A 194 12.04 7.78 37.49
N PRO A 195 12.96 6.86 37.16
CA PRO A 195 13.55 6.93 35.80
C PRO A 195 12.43 6.84 34.77
N PRO A 196 12.58 7.52 33.63
CA PRO A 196 11.42 7.64 32.73
C PRO A 196 10.93 6.29 32.16
N CYS A 197 9.63 6.03 32.31
CA CYS A 197 9.00 4.86 31.69
C CYS A 197 8.91 5.02 30.14
N HIS A 198 8.80 6.27 29.69
CA HIS A 198 8.66 6.53 28.27
C HIS A 198 10.00 6.95 27.72
N THR A 199 10.75 5.96 27.22
CA THR A 199 12.18 6.14 27.04
C THR A 199 12.56 6.97 25.84
N MET A 200 11.81 6.80 24.76
CA MET A 200 12.05 7.59 23.58
C MET A 200 10.89 7.49 22.63
N PHE A 201 10.78 8.49 21.76
CA PHE A 201 9.79 8.35 20.71
C PHE A 201 10.28 8.91 19.41
N GLN A 202 9.61 8.51 18.33
CA GLN A 202 10.01 8.86 16.96
C GLN A 202 8.77 9.23 16.10
N PHE A 203 8.91 10.30 15.33
CA PHE A 203 7.90 10.71 14.39
C PHE A 203 8.27 10.26 12.97
N TYR A 204 7.28 10.31 12.11
CA TYR A 204 7.37 9.82 10.75
C TYR A 204 6.28 10.53 9.98
N VAL A 205 6.60 10.90 8.74
CA VAL A 205 5.67 11.68 7.91
C VAL A 205 5.61 11.01 6.57
N ASN A 206 4.42 10.63 6.14
CA ASN A 206 4.25 10.25 4.73
C ASN A 206 2.86 10.61 4.27
N GLU A 207 2.77 11.07 3.02
CA GLU A 207 1.50 11.39 2.38
C GLU A 207 0.66 12.37 3.24
N GLY A 208 1.31 13.46 3.67
CA GLY A 208 0.68 14.54 4.46
C GLY A 208 0.15 14.15 5.84
N LYS A 209 0.62 13.02 6.37
CA LYS A 209 0.17 12.46 7.66
C LYS A 209 1.31 12.17 8.61
N LEU A 210 1.12 12.58 9.86
CA LEU A 210 2.14 12.36 10.91
C LEU A 210 1.82 11.15 11.80
N SER A 211 2.80 10.25 11.94
CA SER A 211 2.71 9.10 12.83
C SER A 211 3.77 9.24 13.94
N CYS A 212 3.59 8.51 15.05
CA CYS A 212 4.48 8.59 16.21
C CYS A 212 4.67 7.16 16.75
N GLN A 213 5.91 6.75 17.01
CA GLN A 213 6.12 5.49 17.75
C GLN A 213 6.78 5.81 19.08
N LEU A 214 6.19 5.31 20.18
CA LEU A 214 6.75 5.39 21.53
C LEU A 214 7.41 4.03 21.88
N TYR A 215 8.62 4.09 22.40
CA TYR A 215 9.21 2.94 23.11
C TYR A 215 9.04 3.11 24.62
N GLN A 216 8.25 2.23 25.22
CA GLN A 216 7.97 2.29 26.67
C GLN A 216 8.62 1.09 27.40
N ARG A 217 9.71 1.32 28.14
CA ARG A 217 10.45 0.22 28.80
C ARG A 217 9.63 -0.64 29.80
N SER A 218 8.57 -0.05 30.34
CA SER A 218 7.86 -0.61 31.47
C SER A 218 6.42 -0.12 31.43
N ALA A 219 5.45 -1.04 31.43
CA ALA A 219 4.05 -0.66 31.26
C ALA A 219 3.16 -1.36 32.27
N ASP A 220 2.54 -0.59 33.14
CA ASP A 220 1.46 -1.05 33.99
C ASP A 220 0.23 -1.21 33.08
N VAL A 221 -0.10 -2.44 32.73
CA VAL A 221 -1.12 -2.68 31.67
C VAL A 221 -2.53 -2.21 32.02
N PHE A 222 -2.98 -2.47 33.25
CA PHE A 222 -4.36 -2.07 33.59
C PHE A 222 -4.50 -0.57 33.82
N LEU A 223 -3.65 -0.02 34.69
CA LEU A 223 -3.80 1.36 35.10
C LEU A 223 -3.04 2.38 34.27
N GLY A 224 -1.81 2.04 33.85
CA GLY A 224 -1.00 3.03 33.14
C GLY A 224 -1.22 3.12 31.66
N VAL A 225 -1.21 1.97 30.98
CA VAL A 225 -1.26 1.92 29.51
C VAL A 225 -2.43 2.72 28.88
N PRO A 226 -3.66 2.64 29.48
CA PRO A 226 -4.73 3.48 28.94
C PRO A 226 -4.43 4.98 28.98
N PHE A 227 -3.88 5.47 30.11
CA PHE A 227 -3.40 6.83 30.19
C PHE A 227 -2.30 7.11 29.18
N ASN A 228 -1.30 6.22 29.11
CA ASN A 228 -0.19 6.38 28.16
C ASN A 228 -0.64 6.50 26.69
N ILE A 229 -1.51 5.61 26.23
CA ILE A 229 -2.10 5.69 24.88
C ILE A 229 -2.76 7.06 24.56
N ALA A 230 -3.60 7.56 25.46
CA ALA A 230 -4.30 8.81 25.18
C ALA A 230 -3.29 9.94 25.19
N SER A 231 -2.30 9.85 26.10
CA SER A 231 -1.30 10.90 26.19
C SER A 231 -0.49 11.05 24.88
N TYR A 232 0.05 9.94 24.36
CA TYR A 232 0.85 10.01 23.13
C TYR A 232 0.01 10.22 21.87
N ALA A 233 -1.23 9.73 21.88
CA ALA A 233 -2.15 10.05 20.78
C ALA A 233 -2.42 11.56 20.72
N LEU A 234 -2.62 12.20 21.87
CA LEU A 234 -2.88 13.62 21.92
C LEU A 234 -1.63 14.40 21.46
N LEU A 235 -0.46 13.96 21.89
CA LEU A 235 0.80 14.57 21.49
C LEU A 235 0.91 14.56 19.95
N THR A 236 0.60 13.41 19.36
CA THR A 236 0.68 13.26 17.89
C THR A 236 -0.26 14.26 17.23
N HIS A 237 -1.47 14.39 17.78
CA HIS A 237 -2.43 15.36 17.25
C HIS A 237 -1.92 16.79 17.38
N LEU A 238 -1.29 17.12 18.49
CA LEU A 238 -0.81 18.49 18.75
C LEU A 238 0.34 18.87 17.82
N ILE A 239 1.30 17.97 17.68
CA ILE A 239 2.39 18.16 16.71
C ILE A 239 1.87 18.20 15.27
N ALA A 240 0.90 17.35 14.92
CA ALA A 240 0.28 17.41 13.57
C ALA A 240 -0.32 18.77 13.30
N HIS A 241 -1.04 19.29 14.31
CA HIS A 241 -1.69 20.59 14.23
C HIS A 241 -0.64 21.71 14.04
N GLU A 242 0.42 21.70 14.86
CA GLU A 242 1.51 22.66 14.78
C GLU A 242 2.28 22.61 13.42
N THR A 243 2.25 21.45 12.77
CA THR A 243 3.01 21.25 11.54
C THR A 243 2.15 21.28 10.26
N GLY A 244 0.87 21.57 10.38
CA GLY A 244 -0.01 21.62 9.21
C GLY A 244 -0.25 20.24 8.58
N LEU A 245 -0.05 19.19 9.37
CA LEU A 245 -0.26 17.80 8.94
C LEU A 245 -1.57 17.18 9.47
N GLU A 246 -2.08 16.18 8.74
CA GLU A 246 -3.17 15.31 9.21
C GLU A 246 -2.57 14.17 10.08
N VAL A 247 -3.39 13.43 10.81
CA VAL A 247 -2.89 12.36 11.70
C VAL A 247 -2.82 11.01 11.01
N GLY A 248 -1.76 10.26 11.27
CA GLY A 248 -1.62 8.90 10.81
C GLY A 248 -1.90 7.99 11.98
N GLU A 249 -0.85 7.31 12.45
CA GLU A 249 -0.96 6.30 13.50
C GLU A 249 -0.09 6.60 14.71
N PHE A 250 -0.57 6.17 15.87
CA PHE A 250 0.29 6.08 17.03
C PHE A 250 0.64 4.58 17.17
N VAL A 251 1.95 4.28 17.17
CA VAL A 251 2.42 2.91 17.34
C VAL A 251 3.02 2.81 18.75
N HIS A 252 2.48 1.91 19.57
CA HIS A 252 2.88 1.82 20.99
C HIS A 252 3.70 0.55 21.15
N THR A 253 5.02 0.69 21.34
CA THR A 253 5.87 -0.48 21.61
C THR A 253 6.24 -0.59 23.08
N LEU A 254 6.02 -1.78 23.67
CA LEU A 254 6.33 -2.02 25.08
C LEU A 254 7.53 -2.95 25.24
N GLY A 255 8.29 -2.69 26.30
CA GLY A 255 9.28 -3.60 26.84
C GLY A 255 8.66 -4.55 27.84
N ASP A 256 8.77 -4.21 29.13
CA ASP A 256 8.21 -5.09 30.13
C ASP A 256 6.79 -4.63 30.38
N ALA A 257 5.81 -5.38 29.86
CA ALA A 257 4.40 -5.07 30.05
C ALA A 257 3.84 -6.00 31.12
N HIS A 258 3.39 -5.44 32.24
CA HIS A 258 2.98 -6.24 33.38
C HIS A 258 1.60 -5.83 33.87
N LEU A 259 0.81 -6.84 34.21
CA LEU A 259 -0.47 -6.69 34.86
C LEU A 259 -0.25 -7.06 36.33
N TYR A 260 -0.50 -6.12 37.22
CA TYR A 260 -0.41 -6.45 38.64
C TYR A 260 -1.43 -7.50 39.01
N GLN A 261 -1.01 -8.37 39.93
CA GLN A 261 -1.81 -9.50 40.34
C GLN A 261 -3.14 -9.05 40.96
N ASN A 262 -3.14 -7.91 41.64
CA ASN A 262 -4.42 -7.43 42.16
C ASN A 262 -5.23 -6.56 41.18
N HIS A 263 -4.81 -6.52 39.91
CA HIS A 263 -5.62 -5.95 38.80
C HIS A 263 -6.31 -7.04 37.91
N VAL A 264 -6.10 -8.30 38.25
CA VAL A 264 -6.59 -9.39 37.41
C VAL A 264 -8.13 -9.36 37.28
N GLU A 265 -8.84 -9.22 38.40
CA GLU A 265 -10.31 -9.17 38.33
C GLU A 265 -10.83 -7.96 37.56
N GLN A 266 -10.15 -6.82 37.72
CA GLN A 266 -10.46 -5.62 36.95
C GLN A 266 -10.26 -5.86 35.46
N MET A 267 -9.15 -6.50 35.07
CA MET A 267 -8.92 -6.81 33.66
C MET A 267 -10.00 -7.76 33.10
N GLN A 268 -10.35 -8.81 33.85
CA GLN A 268 -11.40 -9.72 33.42
C GLN A 268 -12.76 -9.02 33.26
N GLU A 269 -13.11 -8.13 34.18
CA GLU A 269 -14.39 -7.43 34.04
C GLU A 269 -14.37 -6.60 32.75
N GLN A 270 -13.25 -5.90 32.53
CA GLN A 270 -13.12 -5.05 31.35
C GLN A 270 -13.26 -5.87 30.06
N LEU A 271 -12.64 -7.04 30.06
CA LEU A 271 -12.69 -7.91 28.90
C LEU A 271 -14.12 -8.44 28.62
N SER A 272 -15.03 -8.33 29.59
CA SER A 272 -16.39 -8.81 29.38
C SER A 272 -17.30 -7.76 28.72
N ARG A 273 -16.75 -6.57 28.46
CA ARG A 273 -17.56 -5.41 28.03
C ARG A 273 -17.45 -5.17 26.53
N GLU A 274 -18.57 -4.84 25.90
CA GLU A 274 -18.57 -4.59 24.46
C GLU A 274 -17.86 -3.25 24.12
N VAL A 275 -16.94 -3.30 23.16
CA VAL A 275 -16.28 -2.12 22.66
C VAL A 275 -17.24 -1.16 21.94
N ARG A 276 -17.09 0.15 22.20
CA ARG A 276 -17.87 1.19 21.53
C ARG A 276 -16.94 2.01 20.64
N SER A 277 -17.49 2.87 19.78
CA SER A 277 -16.68 3.75 18.93
C SER A 277 -15.89 4.74 19.76
N PHE A 278 -14.63 4.94 19.35
CA PHE A 278 -13.75 5.93 19.96
C PHE A 278 -14.38 7.30 19.74
N PRO A 279 -14.15 8.24 20.67
CA PRO A 279 -14.59 9.61 20.50
C PRO A 279 -13.76 10.39 19.44
N THR A 280 -14.14 11.63 19.20
CA THR A 280 -13.45 12.50 18.24
C THR A 280 -12.72 13.62 19.00
N LEU A 281 -11.43 13.81 18.74
CA LEU A 281 -10.69 14.89 19.37
C LEU A 281 -10.93 16.17 18.59
N VAL A 282 -11.24 17.27 19.28
CA VAL A 282 -11.39 18.57 18.59
C VAL A 282 -10.45 19.64 19.15
N LEU A 283 -9.57 20.16 18.29
CA LEU A 283 -8.67 21.23 18.71
C LEU A 283 -9.15 22.58 18.22
N ASN A 284 -9.00 23.61 19.06
CA ASN A 284 -9.29 25.00 18.68
C ASN A 284 -8.66 25.38 17.34
N PRO A 285 -9.47 25.52 16.28
CA PRO A 285 -8.87 25.85 14.97
C PRO A 285 -8.30 27.27 14.90
N ASP A 286 -8.89 28.16 15.70
CA ASP A 286 -8.59 29.60 15.63
C ASP A 286 -7.33 29.99 16.38
N LYS A 287 -6.47 29.02 16.63
CA LYS A 287 -5.28 29.21 17.42
C LYS A 287 -4.15 28.40 16.78
N ALA A 288 -3.10 29.11 16.38
CA ALA A 288 -2.11 28.55 15.47
C ALA A 288 -1.08 27.62 16.11
N SER A 289 -0.48 28.07 17.22
CA SER A 289 0.56 27.31 17.93
C SER A 289 0.04 26.65 19.19
N VAL A 290 0.42 25.39 19.33
CA VAL A 290 0.05 24.57 20.45
C VAL A 290 0.86 24.95 21.70
N PHE A 291 1.89 25.77 21.54
CA PHE A 291 2.55 26.32 22.73
C PHE A 291 1.78 27.45 23.42
N ASP A 292 0.66 27.86 22.83
CA ASP A 292 -0.29 28.75 23.51
C ASP A 292 -1.57 28.00 23.90
N PHE A 293 -1.59 26.68 23.70
CA PHE A 293 -2.76 25.86 24.10
C PHE A 293 -2.96 25.77 25.62
N ASP A 294 -4.21 25.80 26.05
CA ASP A 294 -4.52 25.56 27.45
C ASP A 294 -5.67 24.56 27.44
N MET A 295 -6.23 24.27 28.60
CA MET A 295 -7.26 23.24 28.79
C MET A 295 -8.45 23.41 27.85
N GLU A 296 -8.83 24.63 27.57
CA GLU A 296 -10.09 24.84 26.87
C GLU A 296 -9.92 24.70 25.37
N ASP A 297 -8.68 24.51 24.91
CA ASP A 297 -8.36 24.44 23.47
C ASP A 297 -8.42 23.03 22.93
N ILE A 298 -8.60 22.05 23.83
CA ILE A 298 -8.60 20.62 23.52
C ILE A 298 -9.89 20.04 24.07
N LYS A 299 -10.70 19.46 23.17
CA LYS A 299 -11.98 18.87 23.51
C LYS A 299 -12.14 17.45 22.99
N VAL A 300 -12.99 16.69 23.67
CA VAL A 300 -13.30 15.32 23.23
C VAL A 300 -14.83 15.26 23.02
N GLU A 301 -15.28 14.82 21.83
CA GLU A 301 -16.71 14.74 21.55
C GLU A 301 -17.18 13.31 21.38
N GLY A 302 -18.39 13.04 21.88
CA GLY A 302 -18.98 11.71 21.78
C GLY A 302 -18.27 10.59 22.55
N TYR A 303 -17.65 10.93 23.68
CA TYR A 303 -17.09 9.92 24.55
C TYR A 303 -18.20 9.28 25.35
N ASP A 304 -18.41 7.99 25.14
CA ASP A 304 -19.52 7.29 25.77
C ASP A 304 -18.97 5.97 26.32
N PRO A 305 -18.26 6.00 27.45
CA PRO A 305 -17.62 4.76 27.91
C PRO A 305 -18.48 4.02 28.93
N HIS A 306 -18.17 2.73 29.11
CA HIS A 306 -18.66 1.93 30.24
C HIS A 306 -18.14 2.55 31.57
N PRO A 307 -18.72 2.15 32.73
CA PRO A 307 -18.30 2.75 34.02
C PRO A 307 -16.79 2.66 34.37
N THR A 308 -16.35 3.61 35.20
CA THR A 308 -15.05 3.57 35.87
C THR A 308 -14.85 2.19 36.53
N ILE A 309 -13.68 1.59 36.32
CA ILE A 309 -13.30 0.37 37.03
C ILE A 309 -12.19 0.77 38.01
N LYS A 310 -12.49 0.69 39.31
CA LYS A 310 -11.54 1.11 40.36
C LYS A 310 -10.49 0.05 40.66
N ALA A 311 -9.25 0.49 40.94
CA ALA A 311 -8.14 -0.43 41.18
C ALA A 311 -7.13 0.14 42.17
N PRO A 312 -6.56 -0.73 43.04
CA PRO A 312 -5.48 -0.26 43.91
C PRO A 312 -4.26 0.15 43.08
N ILE A 313 -3.70 1.32 43.41
CA ILE A 313 -2.52 1.84 42.72
C ILE A 313 -1.25 1.17 43.29
N MET B 1 11.57 -16.34 13.36
CA MET B 1 11.98 -17.23 12.24
C MET B 1 12.37 -16.39 11.03
N GLU B 2 13.15 -16.99 10.12
CA GLU B 2 13.53 -16.34 8.88
C GLU B 2 12.29 -15.82 8.16
N GLU B 3 11.21 -16.58 8.25
CA GLU B 3 9.91 -16.23 7.63
C GLU B 3 9.46 -14.86 8.04
N ALA B 4 9.71 -14.48 9.30
CA ALA B 4 9.26 -13.17 9.78
C ALA B 4 10.02 -12.04 9.06
N TYR B 5 11.30 -12.29 8.76
CA TYR B 5 12.13 -11.33 8.04
C TYR B 5 11.64 -11.24 6.58
N LEU B 6 11.40 -12.38 5.95
CA LEU B 6 10.99 -12.37 4.56
C LEU B 6 9.61 -11.68 4.40
N ALA B 7 8.70 -11.89 5.35
CA ALA B 7 7.39 -11.23 5.31
C ALA B 7 7.51 -9.69 5.36
N LEU B 8 8.49 -9.19 6.10
CA LEU B 8 8.78 -7.73 6.12
C LEU B 8 9.18 -7.23 4.72
N GLY B 9 10.17 -7.86 4.09
CA GLY B 9 10.55 -7.51 2.72
C GLY B 9 9.32 -7.51 1.78
N LYS B 10 8.52 -8.57 1.84
CA LYS B 10 7.40 -8.69 0.96
C LYS B 10 6.36 -7.58 1.22
N LYS B 11 6.07 -7.28 2.50
CA LYS B 11 5.11 -6.23 2.81
C LYS B 11 5.56 -4.86 2.27
N ILE B 12 6.85 -4.55 2.37
CA ILE B 12 7.42 -3.31 1.84
C ILE B 12 7.31 -3.30 0.31
N LEU B 13 7.70 -4.37 -0.36
CA LEU B 13 7.50 -4.44 -1.82
C LEU B 13 6.05 -4.16 -2.19
N GLU B 14 5.12 -4.72 -1.44
CA GLU B 14 3.72 -4.60 -1.80
C GLU B 14 3.11 -3.24 -1.48
N GLU B 15 3.35 -2.75 -0.28
CA GLU B 15 2.64 -1.59 0.18
C GLU B 15 3.50 -0.44 0.72
N GLY B 16 4.81 -0.59 0.68
CA GLY B 16 5.73 0.47 1.11
C GLY B 16 5.69 1.66 0.15
N HIS B 17 5.21 2.79 0.66
CA HIS B 17 5.18 4.03 -0.14
C HIS B 17 6.56 4.60 -0.43
N PHE B 18 6.67 5.29 -1.56
CA PHE B 18 7.92 5.86 -1.97
C PHE B 18 8.25 7.08 -1.08
N LYS B 19 9.53 7.21 -0.71
CA LYS B 19 9.98 8.27 0.18
C LYS B 19 11.34 8.70 -0.31
N GLU B 20 11.53 9.99 -0.55
CA GLU B 20 12.89 10.51 -0.77
C GLU B 20 13.72 10.24 0.49
N ASP B 21 15.03 10.15 0.36
CA ASP B 21 15.82 9.94 1.57
C ASP B 21 17.08 10.76 1.50
N ARG B 22 17.70 10.89 2.67
CA ARG B 22 18.96 11.58 2.87
C ARG B 22 19.97 11.19 1.81
N THR B 23 20.08 9.90 1.48
CA THR B 23 21.13 9.41 0.57
C THR B 23 20.90 9.78 -0.90
N GLY B 24 19.69 10.24 -1.22
CA GLY B 24 19.30 10.52 -2.62
C GLY B 24 18.95 9.26 -3.41
N THR B 25 18.86 8.13 -2.72
CA THR B 25 18.58 6.88 -3.40
C THR B 25 17.09 6.70 -3.66
N GLY B 26 16.27 7.07 -2.68
CA GLY B 26 14.83 6.80 -2.79
C GLY B 26 14.55 5.42 -2.20
N THR B 27 13.49 5.32 -1.42
CA THR B 27 13.15 4.09 -0.71
C THR B 27 11.67 3.84 -0.78
N TYR B 28 11.29 2.60 -0.50
CA TYR B 28 9.93 2.25 -0.20
C TYR B 28 9.95 1.95 1.29
N SER B 29 8.95 2.41 2.02
CA SER B 29 9.07 2.45 3.45
C SER B 29 7.76 2.25 4.19
N LEU B 30 7.89 1.61 5.34
CA LEU B 30 6.80 1.45 6.32
C LEU B 30 7.31 1.95 7.66
N PHE B 31 6.38 2.23 8.58
CA PHE B 31 6.73 2.76 9.90
C PHE B 31 6.11 1.89 11.01
N GLY B 32 6.93 1.32 11.89
CA GLY B 32 6.39 0.50 12.97
C GLY B 32 6.25 -0.97 12.57
N TYR B 33 7.16 -1.79 13.07
CA TYR B 33 7.15 -3.21 12.78
C TYR B 33 7.82 -3.96 13.93
N GLN B 34 7.46 -5.23 14.12
CA GLN B 34 8.11 -6.03 15.15
C GLN B 34 8.29 -7.48 14.68
N MET B 35 9.51 -7.99 14.80
CA MET B 35 9.84 -9.37 14.45
C MET B 35 10.40 -10.05 15.69
N ARG B 36 10.10 -11.33 15.89
CA ARG B 36 10.62 -12.04 17.08
C ARG B 36 11.42 -13.22 16.58
N PHE B 37 12.58 -13.49 17.18
CA PHE B 37 13.36 -14.69 16.85
C PHE B 37 13.58 -15.49 18.12
N ASP B 38 13.15 -16.75 18.13
CA ASP B 38 13.36 -17.57 19.32
C ASP B 38 14.77 -18.13 19.16
N LEU B 39 15.70 -17.64 19.96
CA LEU B 39 17.11 -18.01 19.79
C LEU B 39 17.38 -19.48 20.10
N ALA B 40 16.46 -20.14 20.81
CA ALA B 40 16.61 -21.56 21.04
C ALA B 40 16.37 -22.38 19.78
N LYS B 41 15.84 -21.75 18.72
CA LYS B 41 15.50 -22.47 17.46
C LYS B 41 16.66 -22.41 16.43
N GLY B 42 17.76 -21.79 16.84
CA GLY B 42 18.93 -21.64 16.00
C GLY B 42 19.40 -20.20 15.94
N PHE B 43 20.64 -20.04 15.52
CA PHE B 43 21.22 -18.73 15.38
C PHE B 43 20.73 -18.05 14.11
N PRO B 44 20.12 -16.84 14.21
CA PRO B 44 19.40 -16.21 13.09
C PRO B 44 20.28 -15.51 12.03
N LEU B 45 21.12 -16.32 11.39
CA LEU B 45 21.85 -15.88 10.24
C LEU B 45 21.17 -16.40 8.99
N LEU B 46 20.70 -15.48 8.17
CA LEU B 46 19.74 -15.81 7.10
C LEU B 46 20.30 -16.86 6.16
N THR B 47 19.44 -17.76 5.71
CA THR B 47 19.89 -18.84 4.82
C THR B 47 19.48 -18.57 3.36
N THR B 48 18.53 -17.65 3.18
CA THR B 48 18.06 -17.41 1.77
C THR B 48 19.02 -16.55 0.95
N LYS B 49 20.07 -16.05 1.60
CA LYS B 49 21.22 -15.48 0.93
C LYS B 49 22.40 -15.65 1.88
N ARG B 50 23.61 -15.71 1.35
CA ARG B 50 24.79 -15.87 2.22
C ARG B 50 25.08 -14.55 2.95
N VAL B 51 25.19 -14.62 4.28
CA VAL B 51 25.43 -13.44 5.11
C VAL B 51 26.79 -13.76 5.76
N PRO B 52 27.79 -12.87 5.58
CA PRO B 52 29.16 -13.14 6.07
C PRO B 52 29.35 -12.94 7.61
N PHE B 53 29.37 -14.02 8.35
CA PHE B 53 29.45 -13.93 9.82
C PHE B 53 30.74 -13.27 10.37
N GLY B 54 31.86 -13.53 9.73
CA GLY B 54 33.10 -12.91 10.08
C GLY B 54 33.00 -11.38 10.18
N LEU B 55 32.28 -10.74 9.26
CA LEU B 55 32.04 -9.28 9.29
C LEU B 55 31.16 -8.90 10.48
N ILE B 56 30.15 -9.71 10.73
CA ILE B 56 29.25 -9.42 11.82
C ILE B 56 30.01 -9.53 13.13
N LYS B 57 30.83 -10.57 13.26
CA LYS B 57 31.65 -10.76 14.48
C LYS B 57 32.59 -9.59 14.68
N SER B 58 33.35 -9.24 13.64
CA SER B 58 34.38 -8.22 13.84
C SER B 58 33.78 -6.88 14.19
N GLU B 59 32.64 -6.56 13.59
CA GLU B 59 31.91 -5.32 13.89
C GLU B 59 31.42 -5.28 15.36
N LEU B 60 30.79 -6.37 15.83
CA LEU B 60 30.40 -6.44 17.23
C LEU B 60 31.58 -6.29 18.23
N LEU B 61 32.68 -6.98 17.94
CA LEU B 61 33.82 -6.97 18.83
C LEU B 61 34.40 -5.56 18.91
N TRP B 62 34.33 -4.87 17.77
CA TRP B 62 34.79 -3.48 17.63
C TRP B 62 33.91 -2.59 18.52
N PHE B 63 32.57 -2.77 18.43
CA PHE B 63 31.59 -2.09 19.32
C PHE B 63 31.93 -2.34 20.80
N LEU B 64 32.08 -3.62 21.14
CA LEU B 64 32.31 -4.04 22.52
C LEU B 64 33.58 -3.51 23.15
N LYS B 65 34.64 -3.35 22.36
CA LYS B 65 35.86 -2.75 22.93
C LYS B 65 35.81 -1.21 22.96
N GLY B 66 34.73 -0.64 22.42
CA GLY B 66 34.51 0.80 22.57
C GLY B 66 35.23 1.58 21.50
N ASP B 67 35.55 0.91 20.40
CA ASP B 67 36.36 1.56 19.35
C ASP B 67 35.44 2.21 18.26
N THR B 68 35.78 3.42 17.83
CA THR B 68 35.00 4.13 16.82
C THR B 68 35.87 4.54 15.62
N ASN B 69 37.09 3.96 15.56
CA ASN B 69 38.03 4.11 14.42
C ASN B 69 38.04 2.83 13.54
N ILE B 70 37.95 3.00 12.23
CA ILE B 70 37.83 1.85 11.33
C ILE B 70 39.12 1.02 11.12
N ARG B 71 40.23 1.48 11.65
CA ARG B 71 41.46 0.70 11.51
C ARG B 71 41.32 -0.79 11.96
N TYR B 72 40.76 -1.00 13.15
CA TYR B 72 40.55 -2.34 13.69
C TYR B 72 39.77 -3.23 12.67
N LEU B 73 38.76 -2.65 11.99
CA LEU B 73 37.96 -3.39 11.01
C LEU B 73 38.73 -3.76 9.74
N LEU B 74 39.42 -2.77 9.20
CA LEU B 74 40.30 -2.97 8.08
C LEU B 74 41.37 -4.03 8.32
N GLU B 75 41.99 -4.04 9.50
CA GLU B 75 42.92 -5.12 9.86
C GLU B 75 42.26 -6.52 9.85
N ARG B 76 40.93 -6.58 9.91
CA ARG B 76 40.26 -7.87 9.84
C ARG B 76 39.46 -8.01 8.54
N ASN B 77 39.90 -7.25 7.53
CA ASN B 77 39.29 -7.25 6.20
C ASN B 77 37.79 -6.94 6.19
N ASN B 78 37.34 -6.10 7.11
CA ASN B 78 35.91 -5.70 7.19
C ASN B 78 35.82 -4.25 6.68
N HIS B 79 35.14 -4.04 5.54
CA HIS B 79 35.05 -2.74 4.89
C HIS B 79 33.65 -2.12 4.96
N ILE B 80 32.79 -2.67 5.81
CA ILE B 80 31.39 -2.19 5.85
C ILE B 80 31.20 -0.75 6.32
N TRP B 81 32.17 -0.20 7.03
CA TRP B 81 32.07 1.18 7.51
C TRP B 81 32.97 2.14 6.69
N ASP B 82 33.62 1.66 5.63
CA ASP B 82 34.59 2.47 4.87
C ASP B 82 34.01 3.76 4.28
N GLU B 83 32.86 3.67 3.62
CA GLU B 83 32.31 4.82 2.88
C GLU B 83 32.14 6.10 3.71
N TRP B 84 31.71 5.98 4.96
CA TRP B 84 31.49 7.16 5.78
C TRP B 84 32.79 7.83 6.21
N ALA B 85 33.84 7.04 6.41
CA ALA B 85 35.16 7.56 6.75
C ALA B 85 35.77 8.19 5.51
N PHE B 86 35.69 7.49 4.39
CA PHE B 86 36.24 7.99 3.16
C PHE B 86 35.55 9.30 2.79
N GLU B 87 34.24 9.35 2.98
CA GLU B 87 33.49 10.56 2.76
C GLU B 87 34.05 11.75 3.54
N ARG B 88 34.31 11.57 4.83
CA ARG B 88 34.92 12.65 5.62
C ARG B 88 36.26 13.07 5.06
N TYR B 89 37.05 12.09 4.62
CA TYR B 89 38.37 12.37 4.10
C TYR B 89 38.30 13.17 2.80
N VAL B 90 37.45 12.75 1.88
CA VAL B 90 37.38 13.44 0.57
C VAL B 90 36.80 14.85 0.68
N LYS B 91 36.02 15.11 1.72
CA LYS B 91 35.55 16.48 1.96
C LYS B 91 36.57 17.36 2.70
N SER B 92 37.73 16.81 3.07
CA SER B 92 38.66 17.54 3.96
C SER B 92 39.64 18.33 3.11
N ALA B 93 40.37 19.25 3.74
CA ALA B 93 41.40 20.04 3.06
C ALA B 93 42.60 19.21 2.61
N ASP B 94 42.73 18.00 3.14
CA ASP B 94 43.90 17.16 2.86
C ASP B 94 43.79 16.30 1.62
N TYR B 95 42.56 16.01 1.17
CA TYR B 95 42.34 15.20 -0.04
C TYR B 95 42.74 15.93 -1.34
N GLN B 96 43.60 15.33 -2.14
CA GLN B 96 43.91 15.93 -3.43
C GLN B 96 43.76 15.01 -4.64
N GLY B 97 42.89 14.01 -4.57
CA GLY B 97 42.61 13.18 -5.77
C GLY B 97 41.54 13.79 -6.68
N PRO B 98 41.02 13.01 -7.65
CA PRO B 98 39.88 13.46 -8.44
C PRO B 98 38.61 13.69 -7.61
N ASP B 99 37.76 14.56 -8.13
CA ASP B 99 36.52 14.92 -7.49
C ASP B 99 35.69 13.66 -7.13
N MET B 100 35.34 13.55 -5.86
CA MET B 100 34.54 12.43 -5.35
C MET B 100 33.14 12.83 -4.91
N THR B 101 32.67 14.03 -5.30
CA THR B 101 31.31 14.40 -4.88
C THR B 101 30.30 13.37 -5.40
N ASP B 102 29.38 12.97 -4.52
CA ASP B 102 28.33 12.02 -4.85
C ASP B 102 28.86 10.66 -5.33
N PHE B 103 29.98 10.22 -4.77
CA PHE B 103 30.63 9.02 -5.27
C PHE B 103 29.69 7.82 -5.18
N GLY B 104 28.80 7.84 -4.18
CA GLY B 104 27.89 6.73 -3.89
C GLY B 104 27.00 6.42 -5.07
N HIS B 105 26.46 7.43 -5.73
CA HIS B 105 25.66 7.21 -6.95
C HIS B 105 26.47 7.12 -8.22
N ARG B 106 27.48 7.96 -8.33
CA ARG B 106 28.29 8.02 -9.54
C ARG B 106 29.01 6.70 -9.93
N VAL B 107 29.41 5.89 -8.95
CA VAL B 107 30.03 4.60 -9.28
C VAL B 107 29.08 3.63 -10.04
N LEU B 108 27.77 3.76 -9.81
CA LEU B 108 26.75 2.88 -10.40
C LEU B 108 26.45 3.26 -11.84
N GLN B 109 26.77 4.50 -12.20
CA GLN B 109 26.35 5.11 -13.46
C GLN B 109 27.45 5.34 -14.47
N ASP B 110 28.70 5.35 -14.01
CA ASP B 110 29.80 5.88 -14.78
C ASP B 110 31.07 5.05 -14.50
N PRO B 111 31.39 4.10 -15.40
CA PRO B 111 32.47 3.12 -15.16
C PRO B 111 33.89 3.72 -15.05
N ALA B 112 34.21 4.76 -15.81
CA ALA B 112 35.50 5.45 -15.65
C ALA B 112 35.62 6.06 -14.26
N PHE B 113 34.53 6.65 -13.76
CA PHE B 113 34.47 7.11 -12.37
C PHE B 113 34.58 5.95 -11.38
N ALA B 114 33.96 4.81 -11.69
CA ALA B 114 33.99 3.67 -10.76
C ALA B 114 35.43 3.25 -10.51
N GLU B 115 36.25 3.33 -11.56
CA GLU B 115 37.66 2.96 -11.53
C GLU B 115 38.51 3.95 -10.72
N GLN B 116 38.21 5.25 -10.85
CA GLN B 116 38.86 6.27 -10.02
C GLN B 116 38.56 6.08 -8.53
N TYR B 117 37.29 5.83 -8.21
CA TYR B 117 36.84 5.63 -6.83
C TYR B 117 37.55 4.41 -6.25
N LYS B 118 37.63 3.34 -7.04
CA LYS B 118 38.32 2.13 -6.57
C LYS B 118 39.79 2.38 -6.27
N GLU B 119 40.43 3.23 -7.08
CA GLU B 119 41.84 3.62 -6.89
C GLU B 119 41.98 4.48 -5.63
N GLU B 120 41.11 5.48 -5.46
CA GLU B 120 41.21 6.36 -4.32
C GLU B 120 40.91 5.60 -3.03
N HIS B 121 39.93 4.69 -3.10
CA HIS B 121 39.51 3.92 -1.94
C HIS B 121 40.62 2.95 -1.48
N GLN B 122 41.25 2.29 -2.43
CA GLN B 122 42.47 1.50 -2.16
C GLN B 122 43.56 2.33 -1.44
N LYS B 123 43.83 3.54 -1.90
CA LYS B 123 44.90 4.34 -1.31
C LYS B 123 44.54 4.75 0.11
N PHE B 124 43.26 5.09 0.30
CA PHE B 124 42.70 5.40 1.63
C PHE B 124 42.85 4.22 2.60
N CYS B 125 42.44 3.00 2.21
CA CYS B 125 42.59 1.82 3.09
C CYS B 125 44.05 1.57 3.43
N ASP B 126 44.93 1.66 2.44
CA ASP B 126 46.36 1.51 2.66
C ASP B 126 46.91 2.49 3.68
N ALA B 127 46.49 3.75 3.58
CA ALA B 127 46.98 4.81 4.48
C ALA B 127 46.45 4.64 5.90
N ILE B 128 45.21 4.19 6.04
CA ILE B 128 44.64 3.91 7.38
C ILE B 128 45.42 2.77 8.05
N LEU B 129 45.69 1.72 7.28
CA LEU B 129 46.41 0.53 7.77
C LEU B 129 47.84 0.78 8.16
N ASN B 130 48.50 1.72 7.48
CA ASN B 130 49.95 1.81 7.60
C ASN B 130 50.48 3.12 8.20
N ASP B 131 49.68 4.19 8.10
CA ASP B 131 50.05 5.52 8.57
C ASP B 131 49.22 5.92 9.80
N ALA B 132 49.80 5.81 10.99
CA ALA B 132 49.02 6.00 12.24
C ALA B 132 48.49 7.41 12.46
N GLU B 133 49.20 8.41 11.95
CA GLU B 133 48.69 9.77 12.00
C GLU B 133 47.47 9.90 11.09
N PHE B 134 47.58 9.37 9.88
CA PHE B 134 46.46 9.31 8.96
C PHE B 134 45.26 8.54 9.56
N ALA B 135 45.49 7.35 10.14
CA ALA B 135 44.43 6.53 10.76
C ALA B 135 43.70 7.34 11.81
N GLU B 136 44.49 8.00 12.64
CA GLU B 136 43.96 8.68 13.79
C GLU B 136 43.02 9.80 13.36
N LYS B 137 43.42 10.55 12.33
CA LYS B 137 42.61 11.62 11.81
C LYS B 137 41.44 11.12 10.93
N TYR B 138 41.73 10.24 9.99
CA TYR B 138 40.71 9.85 9.00
C TYR B 138 39.93 8.53 9.23
N GLY B 139 40.33 7.75 10.21
CA GLY B 139 39.62 6.51 10.51
C GLY B 139 38.44 6.74 11.46
N GLU B 140 38.38 7.93 12.03
CA GLU B 140 37.44 8.31 13.10
C GLU B 140 36.02 8.57 12.62
N LEU B 141 35.06 7.92 13.26
CA LEU B 141 33.68 8.14 12.88
C LEU B 141 32.89 8.99 13.91
N GLY B 142 33.56 9.46 14.97
CA GLY B 142 32.88 10.23 16.01
C GLY B 142 32.35 9.24 17.04
N ASN B 143 31.52 9.72 17.97
CA ASN B 143 31.06 8.91 19.08
C ASN B 143 29.87 8.02 18.73
N ILE B 144 30.10 7.04 17.87
CA ILE B 144 29.08 6.04 17.51
C ILE B 144 29.06 4.87 18.51
N TYR B 145 28.44 3.75 18.14
CA TYR B 145 28.02 2.72 19.11
C TYR B 145 29.05 2.41 20.18
N GLY B 146 30.26 2.06 19.75
CA GLY B 146 31.32 1.71 20.69
C GLY B 146 31.49 2.72 21.82
N ALA B 147 31.54 4.00 21.44
CA ALA B 147 31.77 5.07 22.41
C ALA B 147 30.61 5.21 23.43
N GLN B 148 29.36 5.10 22.96
CA GLN B 148 28.24 5.26 23.85
C GLN B 148 28.01 4.01 24.77
N TRP B 149 28.32 2.83 24.26
CA TRP B 149 28.19 1.57 25.02
C TRP B 149 29.20 1.48 26.14
N ARG B 150 30.42 1.92 25.87
CA ARG B 150 31.53 1.75 26.81
C ARG B 150 31.93 3.04 27.51
N HIS B 151 31.55 4.19 26.96
CA HIS B 151 32.21 5.45 27.34
C HIS B 151 31.29 6.67 27.12
N TRP B 152 30.04 6.58 27.56
CA TRP B 152 29.14 7.73 27.51
C TRP B 152 29.70 8.83 28.43
N GLU B 153 30.04 9.98 27.85
CA GLU B 153 30.79 11.00 28.55
C GLU B 153 29.86 11.80 29.46
N THR B 154 30.25 11.98 30.72
CA THR B 154 29.41 12.66 31.73
C THR B 154 29.69 14.17 31.76
N LYS B 155 28.77 14.90 32.40
CA LYS B 155 28.88 16.36 32.59
C LYS B 155 30.00 16.81 33.56
N ASP B 156 30.54 15.90 34.35
CA ASP B 156 31.54 16.29 35.35
C ASP B 156 32.89 15.57 35.18
N GLY B 157 33.28 15.38 33.92
CA GLY B 157 34.61 14.90 33.54
C GLY B 157 34.86 13.40 33.67
N SER B 158 33.84 12.56 33.45
CA SER B 158 34.02 11.11 33.55
C SER B 158 33.35 10.42 32.36
N PHE B 159 32.96 9.16 32.53
CA PHE B 159 32.27 8.37 31.50
C PHE B 159 31.53 7.22 32.18
N ILE B 160 30.41 6.83 31.61
CA ILE B 160 29.65 5.66 32.05
C ILE B 160 29.83 4.48 31.09
N ASP B 161 30.24 3.35 31.66
CA ASP B 161 30.35 2.10 30.91
C ASP B 161 28.98 1.43 30.92
N GLN B 162 28.08 1.88 30.03
CA GLN B 162 26.69 1.47 30.11
C GLN B 162 26.53 -0.01 29.96
N LEU B 163 27.27 -0.59 29.04
CA LEU B 163 27.03 -1.97 28.66
C LEU B 163 27.54 -2.87 29.80
N ALA B 164 28.70 -2.55 30.36
CA ALA B 164 29.22 -3.34 31.46
C ALA B 164 28.24 -3.20 32.65
N ASN B 165 27.70 -2.00 32.85
CA ASN B 165 26.68 -1.85 33.96
C ASN B 165 25.44 -2.70 33.75
N VAL B 166 24.93 -2.76 32.50
CA VAL B 166 23.75 -3.60 32.25
C VAL B 166 24.05 -5.09 32.45
N ILE B 167 25.20 -5.57 31.99
CA ILE B 167 25.59 -6.94 32.23
C ILE B 167 25.62 -7.24 33.74
N GLU B 168 26.29 -6.40 34.54
CA GLU B 168 26.28 -6.62 35.99
C GLU B 168 24.90 -6.57 36.64
N MET B 169 24.01 -5.71 36.16
CA MET B 169 22.64 -5.62 36.73
C MET B 169 21.80 -6.87 36.44
N ILE B 170 22.03 -7.48 35.27
CA ILE B 170 21.37 -8.75 34.94
C ILE B 170 21.74 -9.87 35.96
N LYS B 171 22.99 -9.88 36.41
CA LYS B 171 23.48 -10.87 37.36
C LYS B 171 22.81 -10.73 38.71
N THR B 172 22.66 -9.52 39.21
CA THR B 172 22.24 -9.34 40.59
C THR B 172 20.87 -8.74 40.70
N ASN B 173 20.37 -8.20 39.60
CA ASN B 173 19.01 -7.65 39.60
C ASN B 173 18.23 -8.07 38.35
N PRO B 174 18.01 -9.38 38.16
CA PRO B 174 17.52 -9.78 36.82
C PRO B 174 16.11 -9.25 36.49
N ASP B 175 15.32 -8.96 37.51
CA ASP B 175 13.93 -8.55 37.27
C ASP B 175 13.79 -7.01 37.09
N SER B 176 14.92 -6.32 37.01
CA SER B 176 14.90 -4.89 36.77
C SER B 176 14.21 -4.55 35.45
N ARG B 177 13.38 -3.52 35.46
CA ARG B 177 12.79 -3.06 34.20
C ARG B 177 13.59 -1.95 33.55
N ARG B 178 14.87 -1.81 33.95
CA ARG B 178 15.78 -0.72 33.49
C ARG B 178 17.07 -1.31 32.89
N LEU B 179 17.03 -2.52 32.35
CA LEU B 179 18.25 -3.14 31.82
C LEU B 179 18.42 -2.61 30.39
N ILE B 180 18.81 -1.32 30.29
CA ILE B 180 18.79 -0.58 29.01
C ILE B 180 20.17 -0.02 28.65
N VAL B 181 20.51 -0.08 27.36
CA VAL B 181 21.70 0.58 26.81
C VAL B 181 21.19 1.47 25.66
N SER B 182 21.56 2.75 25.67
CA SER B 182 21.16 3.68 24.62
C SER B 182 22.38 4.26 23.98
N ALA B 183 22.31 4.33 22.66
CA ALA B 183 23.39 4.91 21.87
C ALA B 183 22.98 6.31 21.42
N TRP B 184 21.74 6.70 21.75
CA TRP B 184 21.24 8.01 21.34
C TRP B 184 21.62 9.12 22.31
N ASN B 185 22.76 9.75 22.05
CA ASN B 185 23.25 10.79 22.93
C ASN B 185 23.10 12.12 22.20
N PRO B 186 22.07 12.92 22.58
CA PRO B 186 21.69 14.13 21.81
C PRO B 186 22.87 15.06 21.61
N GLU B 187 23.76 15.13 22.58
CA GLU B 187 24.89 16.01 22.48
C GLU B 187 25.90 15.57 21.41
N ASP B 188 26.06 14.26 21.23
CA ASP B 188 27.11 13.74 20.32
C ASP B 188 26.58 13.44 18.91
N VAL B 189 25.27 13.31 18.78
CA VAL B 189 24.64 12.99 17.49
C VAL B 189 25.13 13.86 16.31
N PRO B 190 25.19 15.20 16.49
CA PRO B 190 25.61 15.99 15.31
C PRO B 190 27.02 15.65 14.81
N SER B 191 27.92 15.14 15.65
CA SER B 191 29.29 14.90 15.16
C SER B 191 29.59 13.42 14.90
N MET B 192 28.59 12.58 15.10
CA MET B 192 28.55 11.19 14.64
C MET B 192 28.54 11.15 13.12
N ALA B 193 29.32 10.24 12.53
CA ALA B 193 29.25 10.08 11.07
C ALA B 193 27.82 9.75 10.64
N LEU B 194 27.12 8.93 11.41
CA LEU B 194 25.68 8.74 11.24
C LEU B 194 25.07 8.63 12.66
N PRO B 195 23.86 9.15 12.87
CA PRO B 195 23.24 8.84 14.19
C PRO B 195 22.96 7.34 14.29
N PRO B 196 22.78 6.77 15.51
CA PRO B 196 22.64 5.31 15.58
C PRO B 196 21.36 4.75 14.94
N CME B 197 21.54 3.90 13.92
CA CME B 197 20.40 3.25 13.25
CB CME B 197 20.85 2.60 11.93
SG CME B 197 21.32 3.84 10.75
SD CME B 197 21.82 3.00 9.01
CE CME B 197 20.34 2.67 8.06
CZ CME B 197 20.24 3.59 6.82
OH CME B 197 19.60 2.98 5.65
C CME B 197 19.76 2.27 14.22
O CME B 197 18.54 2.24 14.38
N HIS B 198 20.59 1.46 14.88
CA HIS B 198 20.10 0.64 15.97
C HIS B 198 20.31 1.40 17.28
N THR B 199 19.21 1.86 17.86
CA THR B 199 19.20 3.08 18.69
C THR B 199 19.24 2.82 20.20
N MET B 200 18.53 1.80 20.65
CA MET B 200 18.41 1.54 22.07
C MET B 200 17.97 0.08 22.24
N PHE B 201 18.45 -0.59 23.28
CA PHE B 201 18.03 -1.97 23.51
C PHE B 201 17.86 -2.27 25.00
N GLN B 202 17.03 -3.26 25.28
CA GLN B 202 16.60 -3.56 26.63
C GLN B 202 16.60 -5.09 26.80
N PHE B 203 17.02 -5.53 27.99
CA PHE B 203 16.99 -6.95 28.35
C PHE B 203 15.88 -7.32 29.30
N TYR B 204 15.57 -8.63 29.37
CA TYR B 204 14.52 -9.13 30.23
C TYR B 204 14.89 -10.55 30.55
N VAL B 205 14.61 -10.98 31.76
CA VAL B 205 14.98 -12.33 32.21
C VAL B 205 13.73 -13.03 32.74
N ASN B 206 13.43 -14.22 32.24
CA ASN B 206 12.41 -15.07 32.88
C ASN B 206 12.76 -16.55 32.84
N GLU B 207 12.49 -17.22 33.96
CA GLU B 207 12.85 -18.66 34.15
C GLU B 207 14.20 -19.06 33.51
N GLY B 208 15.23 -18.30 33.84
CA GLY B 208 16.59 -18.56 33.44
C GLY B 208 16.95 -18.26 32.00
N LYS B 209 16.05 -17.60 31.27
CA LYS B 209 16.31 -17.21 29.89
C LYS B 209 16.42 -15.68 29.76
N LEU B 210 17.40 -15.27 28.97
CA LEU B 210 17.66 -13.88 28.65
C LEU B 210 17.09 -13.52 27.27
N SER B 211 16.23 -12.51 27.23
CA SER B 211 15.72 -11.95 25.97
C SER B 211 16.25 -10.52 25.78
N CYS B 212 16.17 -10.03 24.56
CA CYS B 212 16.65 -8.68 24.26
C CYS B 212 15.66 -8.08 23.26
N GLN B 213 15.24 -6.82 23.53
CA GLN B 213 14.50 -6.07 22.53
C GLN B 213 15.36 -4.89 22.05
N LEU B 214 15.48 -4.76 20.72
CA LEU B 214 16.16 -3.62 20.06
C LEU B 214 15.11 -2.67 19.46
N TYR B 215 15.24 -1.36 19.73
CA TYR B 215 14.53 -0.34 18.96
C TYR B 215 15.47 0.20 17.90
N GLN B 216 15.07 0.05 16.64
CA GLN B 216 15.87 0.46 15.52
C GLN B 216 15.13 1.55 14.75
N ARG B 217 15.65 2.79 14.80
CA ARG B 217 14.91 3.93 14.26
C ARG B 217 14.85 3.90 12.74
N SER B 218 15.80 3.21 12.13
CA SER B 218 16.02 3.31 10.70
C SER B 218 16.62 1.98 10.30
N ALA B 219 15.89 1.24 9.43
CA ALA B 219 16.26 -0.13 9.10
C ALA B 219 16.37 -0.31 7.58
N ASP B 220 17.59 -0.60 7.12
CA ASP B 220 17.91 -0.89 5.69
C ASP B 220 17.56 -2.38 5.53
N VAL B 221 16.36 -2.65 5.04
CA VAL B 221 15.83 -4.01 5.10
C VAL B 221 16.69 -5.02 4.33
N PHE B 222 17.16 -4.69 3.14
CA PHE B 222 17.91 -5.72 2.41
C PHE B 222 19.34 -5.97 2.90
N LEU B 223 20.11 -4.90 3.12
CA LEU B 223 21.56 -5.01 3.37
C LEU B 223 21.87 -5.00 4.85
N GLY B 224 21.20 -4.13 5.60
CA GLY B 224 21.59 -3.87 6.97
C GLY B 224 20.89 -4.78 7.98
N VAL B 225 19.60 -4.97 7.84
CA VAL B 225 18.83 -5.76 8.85
C VAL B 225 19.41 -7.18 9.09
N PRO B 226 19.80 -7.93 8.01
CA PRO B 226 20.45 -9.25 8.19
C PRO B 226 21.67 -9.20 9.09
N PHE B 227 22.46 -8.12 8.97
CA PHE B 227 23.59 -7.88 9.88
C PHE B 227 23.10 -7.53 11.27
N ASN B 228 22.14 -6.62 11.36
CA ASN B 228 21.64 -6.18 12.67
C ASN B 228 21.05 -7.35 13.47
N ILE B 229 20.22 -8.16 12.82
CA ILE B 229 19.61 -9.30 13.53
C ILE B 229 20.72 -10.20 14.11
N ALA B 230 21.71 -10.59 13.31
CA ALA B 230 22.73 -11.50 13.77
C ALA B 230 23.60 -10.85 14.84
N SER B 231 23.83 -9.55 14.71
CA SER B 231 24.66 -8.82 15.64
C SER B 231 24.07 -8.82 17.08
N TYR B 232 22.78 -8.51 17.20
CA TYR B 232 22.11 -8.51 18.50
C TYR B 232 21.81 -9.93 19.00
N ALA B 233 21.55 -10.86 18.10
CA ALA B 233 21.46 -12.26 18.54
C ALA B 233 22.83 -12.70 19.11
N LEU B 234 23.94 -12.33 18.48
CA LEU B 234 25.28 -12.71 18.99
C LEU B 234 25.52 -12.06 20.38
N LEU B 235 25.16 -10.79 20.50
CA LEU B 235 25.34 -10.07 21.77
C LEU B 235 24.55 -10.72 22.89
N THR B 236 23.28 -11.00 22.62
CA THR B 236 22.47 -11.69 23.61
C THR B 236 23.11 -13.02 24.04
N HIS B 237 23.67 -13.78 23.09
CA HIS B 237 24.36 -15.03 23.42
C HIS B 237 25.60 -14.82 24.28
N LEU B 238 26.37 -13.77 24.00
CA LEU B 238 27.58 -13.49 24.77
C LEU B 238 27.21 -13.12 26.20
N ILE B 239 26.19 -12.30 26.33
CA ILE B 239 25.76 -11.87 27.65
C ILE B 239 25.15 -13.08 28.44
N ALA B 240 24.32 -13.88 27.80
CA ALA B 240 23.78 -15.11 28.39
C ALA B 240 24.92 -16.03 28.86
N HIS B 241 25.96 -16.16 28.04
CA HIS B 241 27.17 -16.90 28.43
C HIS B 241 27.81 -16.37 29.68
N GLU B 242 28.17 -15.09 29.71
CA GLU B 242 28.78 -14.49 30.92
C GLU B 242 27.92 -14.62 32.19
N THR B 243 26.61 -14.39 32.04
CA THR B 243 25.71 -14.29 33.20
C THR B 243 25.16 -15.65 33.65
N GLY B 244 25.57 -16.71 32.96
CA GLY B 244 25.07 -18.07 33.25
C GLY B 244 23.62 -18.31 32.91
N LEU B 245 23.08 -17.56 31.95
CA LEU B 245 21.69 -17.76 31.49
C LEU B 245 21.60 -18.57 30.19
N GLU B 246 20.41 -19.07 29.88
CA GLU B 246 20.06 -19.56 28.54
C GLU B 246 19.49 -18.42 27.72
N VAL B 247 19.41 -18.60 26.40
CA VAL B 247 18.86 -17.57 25.51
C VAL B 247 17.35 -17.69 25.32
N GLY B 248 16.68 -16.55 25.35
CA GLY B 248 15.24 -16.50 25.11
C GLY B 248 14.99 -16.01 23.69
N GLU B 249 14.31 -14.87 23.58
CA GLU B 249 13.93 -14.28 22.28
C GLU B 249 14.73 -13.03 22.01
N PHE B 250 15.03 -12.80 20.74
CA PHE B 250 15.42 -11.47 20.30
C PHE B 250 14.23 -10.81 19.64
N VAL B 251 13.83 -9.64 20.12
CA VAL B 251 12.68 -8.93 19.57
C VAL B 251 13.17 -7.66 18.85
N HIS B 252 12.84 -7.53 17.57
CA HIS B 252 13.43 -6.48 16.73
C HIS B 252 12.31 -5.54 16.37
N THR B 253 12.34 -4.35 16.95
CA THR B 253 11.29 -3.34 16.73
C THR B 253 11.83 -2.24 15.84
N LEU B 254 11.09 -1.94 14.78
CA LEU B 254 11.53 -0.98 13.75
C LEU B 254 10.70 0.28 13.70
N GLY B 255 11.38 1.41 13.45
CA GLY B 255 10.77 2.68 13.10
C GLY B 255 10.64 2.76 11.58
N ASP B 256 11.52 3.53 10.90
CA ASP B 256 11.41 3.62 9.44
C ASP B 256 12.07 2.38 8.84
N ALA B 257 11.26 1.37 8.49
CA ALA B 257 11.76 0.18 7.80
C ALA B 257 11.71 0.40 6.28
N HIS B 258 12.88 0.38 5.61
CA HIS B 258 12.92 0.80 4.20
C HIS B 258 13.69 -0.18 3.32
N LEU B 259 13.14 -0.39 2.14
CA LEU B 259 13.88 -1.01 1.07
C LEU B 259 14.34 0.09 0.11
N TYR B 260 15.64 0.17 -0.10
CA TYR B 260 16.18 1.09 -1.10
C TYR B 260 15.70 0.65 -2.46
N GLN B 261 15.40 1.62 -3.33
CA GLN B 261 14.75 1.22 -4.59
C GLN B 261 15.64 0.39 -5.48
N ASN B 262 16.97 0.49 -5.29
CA ASN B 262 17.91 -0.32 -6.07
C ASN B 262 18.24 -1.63 -5.32
N HIS B 263 17.38 -2.01 -4.38
CA HIS B 263 17.47 -3.34 -3.77
C HIS B 263 16.28 -4.22 -4.15
N VAL B 264 15.39 -3.73 -5.03
CA VAL B 264 14.10 -4.43 -5.25
C VAL B 264 14.25 -5.75 -5.98
N GLU B 265 15.06 -5.81 -7.04
CA GLU B 265 15.26 -7.10 -7.70
C GLU B 265 15.91 -8.12 -6.78
N GLN B 266 16.83 -7.64 -5.94
CA GLN B 266 17.54 -8.51 -4.99
C GLN B 266 16.58 -9.16 -3.99
N MET B 267 15.68 -8.36 -3.42
CA MET B 267 14.67 -8.82 -2.45
C MET B 267 13.70 -9.79 -3.09
N GLN B 268 13.26 -9.48 -4.31
CA GLN B 268 12.40 -10.39 -5.08
C GLN B 268 13.10 -11.75 -5.32
N GLU B 269 14.36 -11.72 -5.74
CA GLU B 269 15.14 -12.95 -5.92
C GLU B 269 15.23 -13.71 -4.60
N GLN B 270 15.43 -12.99 -3.51
CA GLN B 270 15.51 -13.62 -2.18
C GLN B 270 14.22 -14.33 -1.80
N LEU B 271 13.10 -13.66 -2.07
CA LEU B 271 11.77 -14.22 -1.80
C LEU B 271 11.42 -15.47 -2.64
N SER B 272 12.15 -15.73 -3.73
CA SER B 272 11.86 -16.92 -4.52
C SER B 272 12.54 -18.15 -3.95
N ARG B 273 13.31 -18.01 -2.88
CA ARG B 273 14.12 -19.15 -2.40
C ARG B 273 13.54 -19.81 -1.16
N GLU B 274 13.54 -21.13 -1.13
CA GLU B 274 13.13 -21.90 0.08
C GLU B 274 14.07 -21.69 1.27
N VAL B 275 13.47 -21.42 2.43
CA VAL B 275 14.20 -21.30 3.69
C VAL B 275 14.93 -22.60 4.11
N ARG B 276 16.14 -22.47 4.62
CA ARG B 276 16.87 -23.63 5.15
C ARG B 276 16.97 -23.55 6.68
N SER B 277 17.42 -24.60 7.37
CA SER B 277 17.66 -24.54 8.83
C SER B 277 18.70 -23.51 9.21
N PHE B 278 18.41 -22.71 10.24
CA PHE B 278 19.42 -21.81 10.81
C PHE B 278 20.61 -22.65 11.33
N PRO B 279 21.81 -22.06 11.32
CA PRO B 279 22.97 -22.72 11.93
C PRO B 279 22.96 -22.63 13.45
N THR B 280 24.06 -23.11 14.04
CA THR B 280 24.25 -23.18 15.47
C THR B 280 25.45 -22.30 15.92
N LEU B 281 25.26 -21.48 16.96
CA LEU B 281 26.39 -20.68 17.48
C LEU B 281 27.28 -21.52 18.41
N VAL B 282 28.58 -21.34 18.31
CA VAL B 282 29.55 -22.07 19.11
C VAL B 282 30.42 -20.99 19.75
N LEU B 283 30.53 -21.04 21.07
CA LEU B 283 31.29 -20.03 21.82
C LEU B 283 32.31 -20.76 22.65
N ASN B 284 33.49 -20.17 22.78
CA ASN B 284 34.60 -20.74 23.58
C ASN B 284 34.19 -20.76 25.06
N PRO B 285 34.04 -21.96 25.67
CA PRO B 285 33.57 -22.08 27.08
C PRO B 285 34.50 -21.47 28.13
N ASP B 286 35.77 -21.33 27.76
CA ASP B 286 36.80 -20.81 28.66
C ASP B 286 36.77 -19.30 28.84
N LYS B 287 36.06 -18.58 27.99
CA LYS B 287 35.99 -17.11 28.15
C LYS B 287 34.93 -16.71 29.17
N ALA B 288 35.29 -15.94 30.18
CA ALA B 288 34.33 -15.56 31.23
C ALA B 288 33.52 -14.28 30.89
N SER B 289 34.21 -13.19 30.53
CA SER B 289 33.52 -11.95 30.24
C SER B 289 33.24 -11.76 28.74
N VAL B 290 32.16 -11.05 28.45
CA VAL B 290 31.80 -10.64 27.12
C VAL B 290 32.99 -9.94 26.49
N PHE B 291 33.71 -9.14 27.29
CA PHE B 291 34.84 -8.34 26.78
C PHE B 291 36.11 -9.15 26.62
N ASP B 292 36.10 -10.42 27.02
CA ASP B 292 37.25 -11.32 26.78
C ASP B 292 37.23 -12.02 25.42
N PHE B 293 36.09 -12.00 24.70
CA PHE B 293 36.00 -12.75 23.43
C PHE B 293 36.79 -12.05 22.32
N ASP B 294 37.49 -12.86 21.52
CA ASP B 294 38.13 -12.42 20.31
C ASP B 294 37.53 -13.21 19.14
N MET B 295 38.08 -13.01 17.93
CA MET B 295 37.50 -13.58 16.71
C MET B 295 37.44 -15.12 16.71
N GLU B 296 38.53 -15.75 17.15
CA GLU B 296 38.59 -17.21 17.16
C GLU B 296 37.65 -17.84 18.18
N ASP B 297 37.07 -17.05 19.07
CA ASP B 297 36.29 -17.60 20.19
C ASP B 297 34.81 -17.76 19.84
N ILE B 298 34.45 -17.33 18.63
CA ILE B 298 33.06 -17.31 18.18
C ILE B 298 32.96 -17.88 16.74
N LYS B 299 32.14 -18.91 16.57
CA LYS B 299 31.90 -19.46 15.23
C LYS B 299 30.45 -19.86 15.10
N VAL B 300 30.04 -20.03 13.84
CA VAL B 300 28.78 -20.59 13.46
C VAL B 300 29.05 -21.92 12.72
N GLU B 301 28.28 -22.95 13.04
CA GLU B 301 28.43 -24.25 12.41
C GLU B 301 27.13 -24.73 11.75
N GLY B 302 27.27 -25.53 10.69
CA GLY B 302 26.10 -26.01 9.92
C GLY B 302 25.38 -24.91 9.15
N TYR B 303 26.16 -23.93 8.70
CA TYR B 303 25.62 -22.84 7.87
C TYR B 303 25.78 -23.17 6.40
N ASP B 304 24.64 -23.33 5.73
CA ASP B 304 24.56 -23.78 4.33
C ASP B 304 23.59 -22.88 3.54
N PRO B 305 23.95 -21.61 3.32
CA PRO B 305 22.98 -20.69 2.71
C PRO B 305 22.83 -20.81 1.18
N HIS B 306 21.77 -20.22 0.62
CA HIS B 306 21.69 -19.98 -0.80
C HIS B 306 22.81 -18.98 -1.18
N PRO B 307 23.09 -18.78 -2.50
CA PRO B 307 24.22 -17.92 -2.86
C PRO B 307 24.11 -16.42 -2.42
N THR B 308 25.26 -15.77 -2.37
CA THR B 308 25.32 -14.33 -2.18
C THR B 308 24.41 -13.57 -3.20
N ILE B 309 23.66 -12.59 -2.69
CA ILE B 309 22.94 -11.67 -3.54
C ILE B 309 23.54 -10.26 -3.37
N LYS B 310 24.34 -9.84 -4.34
CA LYS B 310 25.01 -8.53 -4.31
C LYS B 310 24.04 -7.33 -4.47
N ALA B 311 24.27 -6.26 -3.71
CA ALA B 311 23.46 -5.00 -3.78
C ALA B 311 24.32 -3.80 -3.32
N PRO B 312 24.09 -2.60 -3.91
CA PRO B 312 24.92 -1.43 -3.53
C PRO B 312 24.47 -0.78 -2.21
N ILE B 313 25.44 -0.39 -1.36
CA ILE B 313 25.17 0.34 -0.13
C ILE B 313 24.85 1.82 -0.42
N ALA B 314 23.80 2.35 0.23
CA ALA B 314 23.42 3.76 0.16
C ALA B 314 24.22 4.60 1.18
N VAL B 315 25.00 5.55 0.67
CA VAL B 315 25.93 6.35 1.49
C VAL B 315 25.28 7.65 1.99
N MET C 1 -17.51 6.53 -2.37
CA MET C 1 -18.16 7.55 -1.49
C MET C 1 -19.27 8.28 -2.26
N GLU C 2 -20.36 8.61 -1.58
CA GLU C 2 -21.47 9.38 -2.18
C GLU C 2 -20.97 10.70 -2.82
N GLU C 3 -19.98 11.30 -2.21
CA GLU C 3 -19.38 12.52 -2.72
C GLU C 3 -18.85 12.33 -4.15
N ALA C 4 -18.44 11.12 -4.55
CA ALA C 4 -18.01 10.91 -5.94
C ALA C 4 -19.17 11.06 -6.94
N TYR C 5 -20.35 10.58 -6.54
CA TYR C 5 -21.53 10.65 -7.38
C TYR C 5 -22.00 12.10 -7.50
N LEU C 6 -21.97 12.82 -6.37
CA LEU C 6 -22.37 14.23 -6.33
C LEU C 6 -21.43 15.14 -7.12
N ALA C 7 -20.13 14.86 -7.07
CA ALA C 7 -19.13 15.50 -7.94
C ALA C 7 -19.43 15.32 -9.44
N LEU C 8 -19.94 14.14 -9.79
CA LEU C 8 -20.34 13.86 -11.17
C LEU C 8 -21.53 14.75 -11.57
N GLY C 9 -22.58 14.77 -10.75
CA GLY C 9 -23.70 15.70 -10.99
C GLY C 9 -23.27 17.16 -11.10
N LYS C 10 -22.45 17.61 -10.15
CA LYS C 10 -21.96 18.97 -10.18
C LYS C 10 -21.05 19.26 -11.40
N LYS C 11 -20.15 18.35 -11.76
CA LYS C 11 -19.33 18.54 -12.94
C LYS C 11 -20.16 18.64 -14.21
N ILE C 12 -21.21 17.83 -14.36
CA ILE C 12 -22.12 17.93 -15.51
C ILE C 12 -22.90 19.24 -15.57
N LEU C 13 -23.37 19.74 -14.42
CA LEU C 13 -24.04 21.05 -14.43
C LEU C 13 -23.10 22.17 -14.90
N GLU C 14 -21.84 22.06 -14.51
CA GLU C 14 -20.91 23.15 -14.75
C GLU C 14 -20.28 23.12 -16.12
N GLU C 15 -20.06 21.90 -16.64
CA GLU C 15 -19.22 21.63 -17.81
C GLU C 15 -19.89 20.74 -18.85
N GLY C 16 -21.08 20.22 -18.56
CA GLY C 16 -21.68 19.20 -19.48
C GLY C 16 -22.03 19.83 -20.81
N HIS C 17 -21.90 19.05 -21.89
CA HIS C 17 -22.19 19.49 -23.26
C HIS C 17 -23.67 19.37 -23.52
N PHE C 18 -24.31 20.46 -23.93
CA PHE C 18 -25.72 20.39 -24.26
C PHE C 18 -25.97 19.78 -25.62
N LYS C 19 -26.92 18.86 -25.65
CA LYS C 19 -27.35 18.22 -26.91
C LYS C 19 -28.87 18.13 -26.93
N GLU C 20 -29.44 18.36 -28.12
CA GLU C 20 -30.87 18.14 -28.33
C GLU C 20 -31.05 17.00 -29.32
N ASP C 21 -31.80 15.97 -28.95
CA ASP C 21 -32.03 14.88 -29.88
C ASP C 21 -33.19 15.12 -30.85
N ARG C 22 -33.41 14.09 -31.67
CA ARG C 22 -34.52 13.99 -32.62
C ARG C 22 -35.83 14.57 -32.04
N THR C 23 -36.29 13.98 -30.94
CA THR C 23 -37.63 14.24 -30.40
C THR C 23 -37.71 15.53 -29.56
N GLY C 24 -36.59 16.22 -29.42
CA GLY C 24 -36.53 17.46 -28.64
C GLY C 24 -36.06 17.32 -27.20
N THR C 25 -35.52 16.16 -26.86
CA THR C 25 -35.02 15.91 -25.51
C THR C 25 -33.61 16.51 -25.30
N GLY C 26 -33.48 17.43 -24.34
CA GLY C 26 -32.19 18.02 -23.97
C GLY C 26 -31.45 17.25 -22.87
N THR C 27 -30.14 17.12 -23.02
CA THR C 27 -29.27 16.55 -22.00
C THR C 27 -27.99 17.37 -21.90
N TYR C 28 -27.31 17.28 -20.76
CA TYR C 28 -25.96 17.80 -20.64
C TYR C 28 -25.10 16.58 -20.35
N SER C 29 -24.00 16.41 -21.09
CA SER C 29 -23.25 15.17 -20.97
C SER C 29 -21.74 15.34 -20.85
N LEU C 30 -21.11 14.32 -20.31
CA LEU C 30 -19.68 14.16 -20.42
C LEU C 30 -19.39 12.71 -20.81
N PHE C 31 -18.16 12.46 -21.23
CA PHE C 31 -17.82 11.17 -21.71
C PHE C 31 -16.58 10.67 -20.99
N GLY C 32 -16.70 9.50 -20.34
CA GLY C 32 -15.56 8.91 -19.67
C GLY C 32 -15.53 9.42 -18.24
N TYR C 33 -15.95 8.57 -17.33
CA TYR C 33 -15.93 8.94 -15.94
C TYR C 33 -15.77 7.65 -15.16
N GLN C 34 -15.20 7.74 -13.97
CA GLN C 34 -15.05 6.59 -13.10
C GLN C 34 -15.28 6.98 -11.64
N MET C 35 -16.13 6.21 -10.96
CA MET C 35 -16.37 6.35 -9.49
C MET C 35 -16.01 5.05 -8.74
N ARG C 36 -15.43 5.19 -7.54
CA ARG C 36 -15.05 4.03 -6.73
C ARG C 36 -15.86 4.00 -5.45
N PHE C 37 -16.40 2.83 -5.12
CA PHE C 37 -17.16 2.67 -3.88
C PHE C 37 -16.51 1.57 -3.08
N ASP C 38 -15.86 1.94 -1.98
CA ASP C 38 -15.24 0.95 -1.08
C ASP C 38 -16.37 0.36 -0.21
N LEU C 39 -16.70 -0.88 -0.50
CA LEU C 39 -17.88 -1.50 0.08
C LEU C 39 -17.75 -1.79 1.57
N ALA C 40 -16.52 -1.77 2.08
CA ALA C 40 -16.29 -1.89 3.52
C ALA C 40 -16.72 -0.62 4.26
N LYS C 41 -16.77 0.51 3.57
CA LYS C 41 -17.23 1.75 4.21
C LYS C 41 -18.75 1.87 4.31
N GLY C 42 -19.48 0.96 3.67
CA GLY C 42 -20.93 1.01 3.73
C GLY C 42 -21.53 0.62 2.41
N PHE C 43 -22.81 0.29 2.43
CA PHE C 43 -23.46 -0.17 1.20
C PHE C 43 -23.99 1.07 0.49
N PRO C 44 -23.57 1.28 -0.75
CA PRO C 44 -23.77 2.60 -1.37
C PRO C 44 -25.16 2.87 -1.90
N LEU C 45 -26.12 2.92 -1.00
CA LEU C 45 -27.49 3.34 -1.30
C LEU C 45 -27.53 4.80 -0.86
N LEU C 46 -27.80 5.71 -1.81
CA LEU C 46 -27.61 7.18 -1.62
C LEU C 46 -28.38 7.77 -0.45
N THR C 47 -27.77 8.67 0.31
CA THR C 47 -28.45 9.26 1.46
C THR C 47 -29.01 10.66 1.21
N THR C 48 -28.55 11.28 0.12
CA THR C 48 -29.02 12.62 -0.19
C THR C 48 -30.38 12.63 -0.90
N LYS C 49 -30.90 11.44 -1.22
CA LYS C 49 -32.31 11.28 -1.60
C LYS C 49 -32.70 9.82 -1.32
N ARG C 50 -33.96 9.55 -0.94
CA ARG C 50 -34.37 8.15 -0.71
C ARG C 50 -34.39 7.34 -2.01
N VAL C 51 -33.65 6.24 -2.02
CA VAL C 51 -33.58 5.30 -3.14
C VAL C 51 -34.25 3.99 -2.66
N PRO C 52 -35.35 3.58 -3.32
CA PRO C 52 -36.14 2.38 -3.02
C PRO C 52 -35.39 1.06 -3.28
N PHE C 53 -34.90 0.44 -2.20
CA PHE C 53 -34.09 -0.77 -2.33
C PHE C 53 -34.86 -2.01 -2.82
N GLY C 54 -36.13 -2.11 -2.44
CA GLY C 54 -36.96 -3.24 -2.82
C GLY C 54 -36.91 -3.55 -4.30
N LEU C 55 -37.12 -2.53 -5.13
CA LEU C 55 -37.12 -2.72 -6.58
C LEU C 55 -35.78 -3.11 -7.11
N ILE C 56 -34.71 -2.59 -6.50
CA ILE C 56 -33.35 -2.96 -6.87
C ILE C 56 -33.08 -4.45 -6.63
N LYS C 57 -33.52 -4.95 -5.48
CA LYS C 57 -33.23 -6.33 -5.16
C LYS C 57 -34.09 -7.32 -6.00
N SER C 58 -35.37 -7.04 -6.23
CA SER C 58 -36.19 -8.00 -7.00
C SER C 58 -35.68 -8.12 -8.45
N GLU C 59 -35.24 -7.00 -9.01
CA GLU C 59 -34.75 -6.99 -10.37
C GLU C 59 -33.39 -7.69 -10.51
N LEU C 60 -32.49 -7.44 -9.56
CA LEU C 60 -31.20 -8.10 -9.61
C LEU C 60 -31.39 -9.59 -9.41
N LEU C 61 -32.27 -9.95 -8.49
CA LEU C 61 -32.58 -11.36 -8.29
C LEU C 61 -33.12 -12.00 -9.58
N TRP C 62 -34.01 -11.30 -10.26
CA TRP C 62 -34.56 -11.76 -11.56
C TRP C 62 -33.48 -12.01 -12.63
N PHE C 63 -32.54 -11.07 -12.76
CA PHE C 63 -31.37 -11.23 -13.64
C PHE C 63 -30.52 -12.45 -13.24
N LEU C 64 -30.22 -12.55 -11.95
CA LEU C 64 -29.40 -13.61 -11.38
C LEU C 64 -29.91 -15.01 -11.67
N LYS C 65 -31.22 -15.22 -11.61
CA LYS C 65 -31.80 -16.51 -11.93
C LYS C 65 -31.95 -16.76 -13.43
N GLY C 66 -31.55 -15.80 -14.25
CA GLY C 66 -31.65 -15.95 -15.71
C GLY C 66 -33.09 -16.00 -16.14
N ASP C 67 -33.98 -15.54 -15.27
CA ASP C 67 -35.39 -15.41 -15.62
C ASP C 67 -35.57 -14.25 -16.59
N THR C 68 -36.50 -14.44 -17.51
CA THR C 68 -36.88 -13.37 -18.41
C THR C 68 -38.42 -13.25 -18.51
N ASN C 69 -39.12 -13.97 -17.63
CA ASN C 69 -40.60 -13.90 -17.50
C ASN C 69 -40.98 -12.93 -16.38
N ILE C 70 -41.92 -12.02 -16.62
CA ILE C 70 -42.23 -11.04 -15.57
C ILE C 70 -43.10 -11.54 -14.42
N ARG C 71 -43.62 -12.77 -14.50
CA ARG C 71 -44.31 -13.35 -13.34
C ARG C 71 -43.51 -13.16 -12.03
N TYR C 72 -42.22 -13.46 -12.09
CA TYR C 72 -41.33 -13.32 -10.96
C TYR C 72 -41.33 -11.91 -10.35
N LEU C 73 -41.30 -10.88 -11.21
CA LEU C 73 -41.35 -9.48 -10.77
C LEU C 73 -42.69 -9.12 -10.13
N LEU C 74 -43.77 -9.51 -10.81
CA LEU C 74 -45.13 -9.34 -10.32
C LEU C 74 -45.34 -9.94 -8.92
N GLU C 75 -44.97 -11.21 -8.75
CA GLU C 75 -45.01 -11.89 -7.44
C GLU C 75 -44.37 -11.05 -6.32
N ARG C 76 -43.46 -10.15 -6.68
CA ARG C 76 -42.64 -9.39 -5.75
C ARG C 76 -42.90 -7.89 -5.85
N ASN C 77 -44.11 -7.52 -6.25
CA ASN C 77 -44.58 -6.12 -6.32
C ASN C 77 -43.74 -5.19 -7.21
N ASN C 78 -42.94 -5.78 -8.09
CA ASN C 78 -42.12 -5.00 -9.03
C ASN C 78 -42.85 -4.89 -10.37
N HIS C 79 -43.30 -3.67 -10.70
CA HIS C 79 -44.13 -3.44 -11.88
C HIS C 79 -43.45 -2.68 -13.03
N ILE C 80 -42.12 -2.62 -13.05
CA ILE C 80 -41.42 -1.81 -14.07
C ILE C 80 -41.62 -2.30 -15.51
N TRP C 81 -42.19 -3.50 -15.69
CA TRP C 81 -42.40 -4.10 -17.02
C TRP C 81 -43.88 -4.39 -17.37
N ASP C 82 -44.79 -3.99 -16.48
CA ASP C 82 -46.25 -4.16 -16.65
C ASP C 82 -46.74 -3.54 -17.95
N GLU C 83 -46.50 -2.24 -18.07
CA GLU C 83 -46.80 -1.42 -19.25
C GLU C 83 -46.37 -2.08 -20.56
N TRP C 84 -45.06 -2.18 -20.75
CA TRP C 84 -44.46 -2.76 -21.95
C TRP C 84 -45.17 -4.04 -22.41
N ALA C 85 -45.28 -5.02 -21.49
CA ALA C 85 -45.87 -6.34 -21.75
C ALA C 85 -47.35 -6.30 -22.11
N PHE C 86 -48.09 -5.40 -21.45
CA PHE C 86 -49.50 -5.19 -21.74
C PHE C 86 -49.72 -4.71 -23.18
N GLU C 87 -48.91 -3.74 -23.62
CA GLU C 87 -48.91 -3.28 -25.00
C GLU C 87 -48.68 -4.43 -25.99
N ARG C 88 -47.67 -5.26 -25.73
CA ARG C 88 -47.40 -6.42 -26.57
C ARG C 88 -48.60 -7.36 -26.64
N TYR C 89 -49.21 -7.62 -25.48
CA TYR C 89 -50.33 -8.55 -25.40
C TYR C 89 -51.52 -8.20 -26.30
N VAL C 90 -51.83 -6.91 -26.40
CA VAL C 90 -53.06 -6.49 -27.09
C VAL C 90 -53.04 -6.51 -28.63
N LYS C 91 -51.96 -7.00 -29.23
CA LYS C 91 -51.87 -7.06 -30.70
C LYS C 91 -52.21 -8.46 -31.21
N LYS C 123 -57.10 -8.21 -15.50
CA LYS C 123 -57.24 -9.54 -16.11
C LYS C 123 -55.89 -10.07 -16.60
N PHE C 124 -55.12 -9.17 -17.23
CA PHE C 124 -53.81 -9.49 -17.81
C PHE C 124 -52.78 -9.90 -16.73
N CYS C 125 -52.58 -9.04 -15.75
CA CYS C 125 -51.73 -9.35 -14.60
C CYS C 125 -52.28 -10.55 -13.80
N ASP C 126 -53.60 -10.62 -13.66
CA ASP C 126 -54.24 -11.76 -13.02
C ASP C 126 -53.82 -13.09 -13.65
N ALA C 127 -54.04 -13.22 -14.96
CA ALA C 127 -53.72 -14.44 -15.71
C ALA C 127 -52.24 -14.80 -15.64
N ILE C 128 -51.37 -13.79 -15.69
CA ILE C 128 -49.92 -14.01 -15.55
C ILE C 128 -49.56 -14.71 -14.21
N LEU C 129 -50.16 -14.26 -13.11
CA LEU C 129 -49.95 -14.88 -11.80
C LEU C 129 -50.50 -16.32 -11.69
N ASN C 130 -51.68 -16.53 -12.27
CA ASN C 130 -52.47 -17.73 -11.98
C ASN C 130 -52.51 -18.83 -13.05
N ASP C 131 -52.11 -18.48 -14.27
CA ASP C 131 -52.08 -19.43 -15.39
C ASP C 131 -50.65 -19.57 -15.92
N ALA C 132 -50.00 -20.67 -15.55
CA ALA C 132 -48.57 -20.88 -15.81
C ALA C 132 -48.20 -21.03 -17.29
N GLU C 133 -49.17 -21.38 -18.15
CA GLU C 133 -48.95 -21.42 -19.59
C GLU C 133 -49.16 -20.05 -20.25
N PHE C 134 -50.12 -19.28 -19.73
CA PHE C 134 -50.37 -17.92 -20.20
C PHE C 134 -49.17 -17.00 -19.94
N ALA C 135 -48.61 -17.09 -18.75
CA ALA C 135 -47.44 -16.30 -18.37
C ALA C 135 -46.21 -16.65 -19.20
N GLU C 136 -46.11 -17.92 -19.60
CA GLU C 136 -44.97 -18.41 -20.36
C GLU C 136 -45.19 -18.28 -21.86
N LYS C 137 -46.24 -17.56 -22.24
CA LYS C 137 -46.53 -17.22 -23.63
C LYS C 137 -46.58 -15.71 -23.85
N TYR C 138 -47.06 -14.96 -22.84
CA TYR C 138 -47.27 -13.52 -22.97
C TYR C 138 -46.51 -12.66 -21.93
N GLY C 139 -46.02 -13.30 -20.88
CA GLY C 139 -45.17 -12.63 -19.89
C GLY C 139 -43.68 -12.78 -20.15
N GLU C 140 -43.34 -13.43 -21.25
CA GLU C 140 -41.95 -13.70 -21.59
C GLU C 140 -41.34 -12.52 -22.33
N LEU C 141 -40.17 -12.07 -21.87
CA LEU C 141 -39.31 -11.23 -22.71
C LEU C 141 -38.34 -12.18 -23.43
N GLY C 142 -37.70 -11.71 -24.50
CA GLY C 142 -36.78 -12.57 -25.25
C GLY C 142 -35.44 -12.63 -24.55
N ASN C 143 -34.61 -11.60 -24.83
CA ASN C 143 -33.29 -11.52 -24.27
C ASN C 143 -32.96 -10.15 -23.66
N ILE C 144 -32.83 -10.17 -22.34
CA ILE C 144 -32.23 -9.08 -21.57
C ILE C 144 -31.36 -9.75 -20.53
N TYR C 145 -30.89 -9.00 -19.54
CA TYR C 145 -29.75 -9.38 -18.70
C TYR C 145 -29.73 -10.84 -18.27
N GLY C 146 -30.85 -11.33 -17.75
CA GLY C 146 -30.98 -12.74 -17.34
C GLY C 146 -30.45 -13.67 -18.42
N ALA C 147 -30.96 -13.51 -19.63
CA ALA C 147 -30.56 -14.35 -20.74
C ALA C 147 -29.09 -14.13 -21.16
N GLN C 148 -28.66 -12.88 -21.29
CA GLN C 148 -27.28 -12.60 -21.68
C GLN C 148 -26.27 -13.14 -20.64
N TRP C 149 -26.57 -12.94 -19.36
CA TRP C 149 -25.65 -13.38 -18.28
C TRP C 149 -25.56 -14.89 -18.13
N ARG C 150 -26.72 -15.55 -18.22
CA ARG C 150 -26.87 -16.96 -17.89
C ARG C 150 -27.04 -17.92 -19.09
N HIS C 151 -27.25 -17.41 -20.31
CA HIS C 151 -27.74 -18.25 -21.39
C HIS C 151 -27.35 -17.64 -22.76
N TRP C 152 -26.05 -17.43 -23.00
CA TRP C 152 -25.58 -16.78 -24.22
C TRP C 152 -25.53 -17.81 -25.36
N GLU C 153 -26.37 -17.62 -26.38
CA GLU C 153 -26.48 -18.61 -27.46
C GLU C 153 -25.25 -18.70 -28.37
N THR C 154 -24.87 -19.91 -28.76
CA THR C 154 -23.75 -20.08 -29.69
C THR C 154 -24.25 -20.43 -31.09
N LYS C 155 -23.33 -20.47 -32.05
CA LYS C 155 -23.70 -20.82 -33.43
C LYS C 155 -24.30 -22.22 -33.56
N ASP C 156 -23.76 -23.20 -32.83
CA ASP C 156 -24.29 -24.58 -32.93
C ASP C 156 -25.58 -24.88 -32.14
N GLY C 157 -26.14 -23.87 -31.50
CA GLY C 157 -27.43 -24.02 -30.81
C GLY C 157 -27.36 -24.26 -29.31
N SER C 158 -26.15 -24.31 -28.75
CA SER C 158 -25.97 -24.40 -27.32
C SER C 158 -25.79 -23.03 -26.67
N PHE C 159 -25.42 -23.03 -25.39
CA PHE C 159 -25.55 -21.82 -24.57
C PHE C 159 -24.38 -21.73 -23.60
N ILE C 160 -23.88 -20.52 -23.39
CA ILE C 160 -22.78 -20.26 -22.44
C ILE C 160 -23.36 -19.49 -21.21
N ASP C 161 -23.16 -20.05 -20.02
CA ASP C 161 -23.63 -19.44 -18.76
C ASP C 161 -22.44 -18.69 -18.15
N GLN C 162 -22.18 -17.51 -18.70
CA GLN C 162 -21.04 -16.69 -18.32
C GLN C 162 -20.95 -16.52 -16.81
N LEU C 163 -22.10 -16.20 -16.17
CA LEU C 163 -22.10 -15.89 -14.76
C LEU C 163 -21.78 -17.13 -13.93
N ALA C 164 -22.39 -18.27 -14.28
CA ALA C 164 -22.05 -19.48 -13.57
C ALA C 164 -20.55 -19.77 -13.70
N ASN C 165 -20.02 -19.70 -14.93
CA ASN C 165 -18.60 -19.93 -15.17
C ASN C 165 -17.65 -19.00 -14.43
N VAL C 166 -17.98 -17.70 -14.41
CA VAL C 166 -17.20 -16.68 -13.69
C VAL C 166 -17.17 -16.99 -12.18
N ILE C 167 -18.30 -17.39 -11.61
CA ILE C 167 -18.32 -17.73 -10.18
C ILE C 167 -17.36 -18.90 -9.87
N GLU C 168 -17.36 -19.91 -10.74
CA GLU C 168 -16.52 -21.08 -10.59
C GLU C 168 -15.04 -20.71 -10.76
N MET C 169 -14.74 -19.74 -11.62
CA MET C 169 -13.36 -19.28 -11.80
C MET C 169 -12.88 -18.52 -10.57
N ILE C 170 -13.77 -17.72 -9.97
CA ILE C 170 -13.43 -16.97 -8.77
C ILE C 170 -13.00 -17.97 -7.69
N LYS C 171 -13.78 -19.05 -7.55
CA LYS C 171 -13.50 -20.07 -6.56
C LYS C 171 -12.16 -20.78 -6.82
N THR C 172 -11.88 -21.14 -8.07
CA THR C 172 -10.78 -22.10 -8.35
C THR C 172 -9.54 -21.38 -8.91
N ASN C 173 -9.72 -20.20 -9.46
CA ASN C 173 -8.61 -19.47 -10.04
C ASN C 173 -8.80 -17.98 -9.74
N PRO C 174 -8.72 -17.60 -8.45
CA PRO C 174 -9.01 -16.19 -8.09
C PRO C 174 -8.13 -15.14 -8.78
N ASP C 175 -6.91 -15.53 -9.17
CA ASP C 175 -5.94 -14.65 -9.83
C ASP C 175 -6.29 -14.28 -11.27
N SER C 176 -7.19 -15.04 -11.90
CA SER C 176 -7.62 -14.76 -13.26
C SER C 176 -7.92 -13.28 -13.57
N ARG C 177 -7.42 -12.82 -14.71
CA ARG C 177 -7.73 -11.49 -15.27
C ARG C 177 -8.81 -11.64 -16.33
N ARG C 178 -9.45 -12.81 -16.37
CA ARG C 178 -10.51 -13.05 -17.38
C ARG C 178 -11.90 -13.18 -16.78
N LEU C 179 -12.13 -12.59 -15.62
CA LEU C 179 -13.40 -12.79 -14.89
C LEU C 179 -14.47 -11.84 -15.44
N ILE C 180 -14.98 -12.16 -16.63
CA ILE C 180 -15.70 -11.17 -17.46
C ILE C 180 -17.07 -11.68 -17.80
N VAL C 181 -18.08 -10.84 -17.66
CA VAL C 181 -19.42 -11.11 -18.20
C VAL C 181 -19.79 -9.99 -19.18
N SER C 182 -20.19 -10.36 -20.40
CA SER C 182 -20.54 -9.38 -21.39
C SER C 182 -22.05 -9.42 -21.64
N ALA C 183 -22.61 -8.26 -21.94
CA ALA C 183 -24.02 -8.20 -22.28
C ALA C 183 -24.15 -7.70 -23.70
N TRP C 184 -23.03 -7.66 -24.45
CA TRP C 184 -22.98 -6.99 -25.76
C TRP C 184 -22.74 -7.92 -26.94
N ASN C 185 -23.83 -8.21 -27.66
CA ASN C 185 -23.72 -9.00 -28.86
C ASN C 185 -24.11 -8.17 -30.08
N PRO C 186 -23.12 -7.83 -30.94
CA PRO C 186 -23.39 -6.99 -32.13
C PRO C 186 -24.42 -7.59 -33.11
N GLU C 187 -24.59 -8.91 -33.07
CA GLU C 187 -25.61 -9.56 -33.90
C GLU C 187 -27.04 -9.19 -33.46
N ASP C 188 -27.20 -8.94 -32.15
CA ASP C 188 -28.55 -8.76 -31.55
C ASP C 188 -28.97 -7.30 -31.27
N VAL C 189 -27.97 -6.46 -30.99
CA VAL C 189 -28.23 -5.06 -30.64
C VAL C 189 -29.08 -4.27 -31.68
N PRO C 190 -28.79 -4.35 -33.00
CA PRO C 190 -29.51 -3.44 -33.92
C PRO C 190 -31.01 -3.66 -34.02
N SER C 191 -31.51 -4.78 -33.51
CA SER C 191 -32.94 -5.07 -33.58
C SER C 191 -33.60 -5.05 -32.20
N MET C 192 -32.81 -4.78 -31.15
CA MET C 192 -33.33 -4.71 -29.80
C MET C 192 -34.06 -3.41 -29.56
N ALA C 193 -35.16 -3.50 -28.80
CA ALA C 193 -35.86 -2.31 -28.29
C ALA C 193 -34.95 -1.44 -27.39
N LEU C 194 -34.22 -2.06 -26.47
CA LEU C 194 -33.17 -1.29 -25.77
C LEU C 194 -31.94 -2.13 -25.61
N PRO C 195 -30.86 -1.78 -26.34
CA PRO C 195 -29.57 -2.43 -26.17
C PRO C 195 -29.17 -2.21 -24.72
N PRO C 196 -28.51 -3.21 -24.11
CA PRO C 196 -28.26 -3.08 -22.69
C PRO C 196 -27.31 -1.89 -22.36
N CYS C 197 -27.69 -1.09 -21.38
CA CYS C 197 -26.85 0.01 -20.89
C CYS C 197 -25.58 -0.53 -20.17
N HIS C 198 -25.69 -1.65 -19.45
CA HIS C 198 -24.59 -2.26 -18.72
C HIS C 198 -23.86 -3.28 -19.58
N THR C 199 -22.85 -2.80 -20.28
CA THR C 199 -22.28 -3.50 -21.40
C THR C 199 -21.44 -4.72 -21.01
N MET C 200 -20.70 -4.58 -19.92
CA MET C 200 -19.70 -5.57 -19.53
C MET C 200 -19.33 -5.34 -18.07
N PHE C 201 -19.07 -6.40 -17.31
CA PHE C 201 -18.43 -6.19 -16.01
C PHE C 201 -17.33 -7.19 -15.77
N GLN C 202 -16.44 -6.86 -14.84
CA GLN C 202 -15.27 -7.70 -14.59
C GLN C 202 -15.08 -7.83 -13.08
N PHE C 203 -14.82 -9.05 -12.62
CA PHE C 203 -14.43 -9.26 -11.23
C PHE C 203 -12.93 -9.32 -11.04
N TYR C 204 -12.51 -9.19 -9.79
CA TYR C 204 -11.09 -9.18 -9.41
C TYR C 204 -11.01 -9.61 -7.94
N VAL C 205 -9.95 -10.33 -7.62
CA VAL C 205 -9.76 -10.87 -6.25
C VAL C 205 -8.35 -10.59 -5.78
N ASN C 206 -8.25 -9.95 -4.62
CA ASN C 206 -6.96 -9.84 -3.95
C ASN C 206 -7.12 -9.70 -2.44
N GLU C 207 -6.16 -10.29 -1.71
CA GLU C 207 -6.20 -10.43 -0.23
C GLU C 207 -7.60 -10.77 0.31
N GLY C 208 -8.21 -11.78 -0.28
CA GLY C 208 -9.49 -12.32 0.18
C GLY C 208 -10.68 -11.43 -0.03
N LYS C 209 -10.54 -10.41 -0.90
CA LYS C 209 -11.60 -9.46 -1.16
C LYS C 209 -12.00 -9.40 -2.66
N LEU C 210 -13.31 -9.43 -2.92
CA LEU C 210 -13.83 -9.35 -4.29
C LEU C 210 -14.24 -7.93 -4.67
N SER C 211 -13.73 -7.49 -5.82
CA SER C 211 -14.11 -6.22 -6.42
C SER C 211 -14.77 -6.48 -7.76
N CYS C 212 -15.57 -5.51 -8.20
CA CYS C 212 -16.27 -5.55 -9.47
C CYS C 212 -16.12 -4.21 -10.18
N GLN C 213 -15.80 -4.23 -11.49
CA GLN C 213 -15.92 -3.02 -12.30
C GLN C 213 -16.99 -3.17 -13.38
N LEU C 214 -17.90 -2.19 -13.44
CA LEU C 214 -18.88 -2.13 -14.49
C LEU C 214 -18.48 -1.05 -15.55
N TYR C 215 -18.56 -1.43 -16.82
CA TYR C 215 -18.52 -0.48 -17.93
C TYR C 215 -19.93 -0.26 -18.45
N GLN C 216 -20.43 0.95 -18.25
CA GLN C 216 -21.79 1.28 -18.63
C GLN C 216 -21.77 2.34 -19.75
N ARG C 217 -22.26 1.98 -20.93
CA ARG C 217 -22.10 2.81 -22.12
C ARG C 217 -22.92 4.15 -22.09
N SER C 218 -23.99 4.14 -21.28
CA SER C 218 -25.01 5.16 -21.29
C SER C 218 -25.62 5.27 -19.88
N ALA C 219 -25.59 6.47 -19.30
CA ALA C 219 -25.91 6.60 -17.89
C ALA C 219 -26.78 7.80 -17.68
N ASP C 220 -27.99 7.56 -17.21
CA ASP C 220 -28.93 8.64 -16.82
C ASP C 220 -28.56 9.04 -15.40
N VAL C 221 -27.93 10.19 -15.27
CA VAL C 221 -27.18 10.53 -14.04
C VAL C 221 -28.12 10.77 -12.84
N PHE C 222 -29.20 11.53 -13.04
CA PHE C 222 -30.12 11.74 -11.91
C PHE C 222 -30.98 10.52 -11.55
N LEU C 223 -31.64 9.91 -12.51
CA LEU C 223 -32.56 8.82 -12.17
C LEU C 223 -31.92 7.45 -12.24
N GLY C 224 -31.06 7.23 -13.22
CA GLY C 224 -30.52 5.89 -13.48
C GLY C 224 -29.34 5.48 -12.61
N VAL C 225 -28.33 6.34 -12.53
CA VAL C 225 -27.06 5.97 -11.82
C VAL C 225 -27.19 5.49 -10.36
N PRO C 226 -28.03 6.18 -9.53
CA PRO C 226 -28.20 5.69 -8.14
C PRO C 226 -28.75 4.26 -8.06
N PHE C 227 -29.72 3.91 -8.91
CA PHE C 227 -30.16 2.53 -9.02
C PHE C 227 -29.01 1.64 -9.48
N ASN C 228 -28.28 2.05 -10.53
CA ASN C 228 -27.19 1.24 -11.05
C ASN C 228 -26.12 0.93 -9.99
N ILE C 229 -25.68 1.95 -9.25
CA ILE C 229 -24.74 1.78 -8.14
C ILE C 229 -25.16 0.71 -7.11
N ALA C 230 -26.37 0.81 -6.59
CA ALA C 230 -26.88 -0.11 -5.58
C ALA C 230 -27.00 -1.55 -6.12
N SER C 231 -27.48 -1.65 -7.35
CA SER C 231 -27.62 -2.90 -8.07
C SER C 231 -26.29 -3.69 -8.20
N TYR C 232 -25.24 -3.04 -8.69
CA TYR C 232 -23.98 -3.75 -8.87
C TYR C 232 -23.20 -3.90 -7.59
N ALA C 233 -23.41 -3.01 -6.63
CA ALA C 233 -22.85 -3.20 -5.30
C ALA C 233 -23.48 -4.45 -4.67
N LEU C 234 -24.82 -4.58 -4.81
CA LEU C 234 -25.52 -5.77 -4.32
C LEU C 234 -24.99 -7.04 -5.01
N LEU C 235 -24.84 -6.97 -6.33
CA LEU C 235 -24.29 -8.09 -7.08
C LEU C 235 -22.94 -8.54 -6.53
N THR C 236 -22.02 -7.60 -6.31
CA THR C 236 -20.71 -7.89 -5.75
C THR C 236 -20.81 -8.56 -4.40
N HIS C 237 -21.72 -8.08 -3.56
CA HIS C 237 -21.86 -8.67 -2.25
C HIS C 237 -22.38 -10.10 -2.35
N LEU C 238 -23.35 -10.31 -3.23
CA LEU C 238 -23.90 -11.65 -3.46
C LEU C 238 -22.83 -12.67 -3.91
N ILE C 239 -22.05 -12.31 -4.95
CA ILE C 239 -20.95 -13.16 -5.43
C ILE C 239 -19.86 -13.34 -4.34
N ALA C 240 -19.60 -12.30 -3.54
CA ALA C 240 -18.63 -12.43 -2.42
C ALA C 240 -19.12 -13.49 -1.40
N HIS C 241 -20.41 -13.46 -1.14
CA HIS C 241 -21.06 -14.38 -0.21
C HIS C 241 -20.97 -15.80 -0.73
N GLU C 242 -21.35 -16.01 -1.99
CA GLU C 242 -21.25 -17.32 -2.64
C GLU C 242 -19.83 -17.92 -2.70
N THR C 243 -18.81 -17.07 -2.78
CA THR C 243 -17.43 -17.52 -3.02
C THR C 243 -16.59 -17.49 -1.73
N GLY C 244 -17.27 -17.24 -0.60
CA GLY C 244 -16.61 -17.13 0.70
C GLY C 244 -15.59 -15.98 0.81
N LEU C 245 -15.81 -14.89 0.07
CA LEU C 245 -14.93 -13.72 0.10
C LEU C 245 -15.50 -12.48 0.83
N GLU C 246 -14.59 -11.61 1.28
CA GLU C 246 -14.94 -10.28 1.77
C GLU C 246 -15.19 -9.35 0.58
N VAL C 247 -15.82 -8.20 0.81
CA VAL C 247 -16.06 -7.25 -0.27
C VAL C 247 -14.93 -6.24 -0.38
N GLY C 248 -14.54 -5.93 -1.61
CA GLY C 248 -13.60 -4.85 -1.87
C GLY C 248 -14.32 -3.63 -2.40
N GLU C 249 -14.10 -3.33 -3.68
CA GLU C 249 -14.61 -2.12 -4.27
C GLU C 249 -15.55 -2.40 -5.39
N PHE C 250 -16.60 -1.56 -5.52
CA PHE C 250 -17.33 -1.47 -6.76
C PHE C 250 -16.81 -0.27 -7.54
N VAL C 251 -16.33 -0.52 -8.74
CA VAL C 251 -15.78 0.53 -9.59
C VAL C 251 -16.72 0.75 -10.76
N HIS C 252 -17.25 1.96 -10.87
CA HIS C 252 -18.31 2.26 -11.87
C HIS C 252 -17.72 3.18 -12.94
N THR C 253 -17.55 2.66 -14.15
CA THR C 253 -17.04 3.44 -15.26
C THR C 253 -18.19 3.75 -16.19
N LEU C 254 -18.26 5.01 -16.61
CA LEU C 254 -19.29 5.51 -17.52
C LEU C 254 -18.73 5.92 -18.86
N GLY C 255 -19.48 5.62 -19.92
CA GLY C 255 -19.25 6.15 -21.28
C GLY C 255 -20.00 7.47 -21.34
N ASP C 256 -21.17 7.48 -21.98
CA ASP C 256 -21.92 8.74 -22.13
C ASP C 256 -22.76 8.97 -20.89
N ALA C 257 -22.31 9.89 -20.04
CA ALA C 257 -23.03 10.23 -18.81
C ALA C 257 -23.86 11.50 -19.00
N HIS C 258 -25.17 11.36 -18.94
CA HIS C 258 -25.99 12.51 -19.30
C HIS C 258 -26.99 12.85 -18.23
N LEU C 259 -27.09 14.15 -17.98
CA LEU C 259 -28.10 14.67 -17.07
C LEU C 259 -29.23 15.23 -17.93
N TYR C 260 -30.44 14.71 -17.74
CA TYR C 260 -31.57 15.30 -18.46
C TYR C 260 -31.81 16.73 -18.04
N GLN C 261 -32.12 17.57 -19.03
CA GLN C 261 -32.41 18.96 -18.84
C GLN C 261 -33.53 19.22 -17.82
N ASN C 262 -34.53 18.36 -17.78
CA ASN C 262 -35.58 18.54 -16.77
C ASN C 262 -35.30 17.77 -15.45
N HIS C 263 -34.04 17.46 -15.19
CA HIS C 263 -33.58 16.92 -13.89
C HIS C 263 -32.60 17.91 -13.22
N VAL C 264 -32.34 19.06 -13.88
CA VAL C 264 -31.36 20.03 -13.43
C VAL C 264 -31.71 20.58 -12.02
N GLU C 265 -32.95 21.03 -11.83
CA GLU C 265 -33.39 21.50 -10.50
C GLU C 265 -33.33 20.47 -9.37
N GLN C 266 -33.71 19.24 -9.70
CA GLN C 266 -33.64 18.11 -8.79
C GLN C 266 -32.20 17.85 -8.37
N MET C 267 -31.29 17.95 -9.33
CA MET C 267 -29.88 17.73 -9.09
C MET C 267 -29.31 18.84 -8.18
N GLN C 268 -29.73 20.09 -8.40
CA GLN C 268 -29.32 21.22 -7.58
C GLN C 268 -29.85 21.05 -6.18
N GLU C 269 -31.09 20.57 -6.04
CA GLU C 269 -31.62 20.36 -4.71
C GLU C 269 -30.80 19.28 -4.01
N GLN C 270 -30.49 18.22 -4.75
CA GLN C 270 -29.72 17.15 -4.14
C GLN C 270 -28.35 17.63 -3.62
N LEU C 271 -27.73 18.54 -4.36
CA LEU C 271 -26.35 18.93 -4.08
C LEU C 271 -26.28 19.88 -2.88
N SER C 272 -27.42 20.31 -2.39
CA SER C 272 -27.49 21.26 -1.31
C SER C 272 -27.59 20.52 0.03
N ARG C 273 -27.69 19.19 -0.03
CA ARG C 273 -27.94 18.37 1.14
C ARG C 273 -26.67 17.75 1.70
N GLU C 274 -26.53 17.73 3.01
CA GLU C 274 -25.39 17.07 3.67
C GLU C 274 -25.45 15.52 3.52
N VAL C 275 -24.35 14.94 3.03
CA VAL C 275 -24.13 13.51 3.01
C VAL C 275 -24.24 12.89 4.41
N ARG C 276 -24.89 11.72 4.47
CA ARG C 276 -24.97 10.92 5.69
C ARG C 276 -24.21 9.61 5.46
N SER C 277 -23.88 8.90 6.55
CA SER C 277 -23.28 7.54 6.50
C SER C 277 -24.15 6.60 5.68
N PHE C 278 -23.54 5.91 4.72
CA PHE C 278 -24.18 4.80 4.01
C PHE C 278 -24.71 3.80 5.04
N PRO C 279 -25.78 3.07 4.68
CA PRO C 279 -26.22 1.98 5.58
C PRO C 279 -25.38 0.67 5.44
N THR C 280 -25.75 -0.37 6.18
CA THR C 280 -25.06 -1.64 6.17
C THR C 280 -25.95 -2.71 5.50
N LEU C 281 -25.40 -3.42 4.52
CA LEU C 281 -26.08 -4.55 3.93
C LEU C 281 -25.95 -5.77 4.83
N VAL C 282 -27.06 -6.51 5.01
CA VAL C 282 -27.04 -7.77 5.78
C VAL C 282 -27.65 -8.93 4.98
N LEU C 283 -26.84 -9.93 4.67
CA LEU C 283 -27.30 -11.11 3.96
C LEU C 283 -27.52 -12.26 4.93
N ASN C 284 -28.53 -13.09 4.67
CA ASN C 284 -28.82 -14.29 5.45
C ASN C 284 -27.64 -15.28 5.49
N PRO C 285 -27.02 -15.46 6.67
CA PRO C 285 -25.91 -16.40 6.87
C PRO C 285 -26.28 -17.85 6.57
N ASP C 286 -27.54 -18.21 6.84
CA ASP C 286 -28.00 -19.60 6.81
C ASP C 286 -28.28 -20.11 5.42
N LYS C 287 -28.28 -19.23 4.44
CA LYS C 287 -28.39 -19.66 3.06
C LYS C 287 -27.03 -19.56 2.38
N ALA C 288 -26.58 -20.70 1.85
CA ALA C 288 -25.28 -20.78 1.21
C ALA C 288 -25.28 -20.20 -0.20
N SER C 289 -26.23 -20.66 -1.02
CA SER C 289 -26.26 -20.20 -2.40
C SER C 289 -27.25 -19.09 -2.60
N VAL C 290 -26.77 -18.09 -3.33
CA VAL C 290 -27.51 -16.90 -3.67
C VAL C 290 -28.40 -17.14 -4.90
N PHE C 291 -28.34 -18.34 -5.45
CA PHE C 291 -29.30 -18.71 -6.47
C PHE C 291 -30.56 -19.20 -5.78
N ASP C 292 -30.49 -19.38 -4.45
CA ASP C 292 -31.66 -19.67 -3.59
C ASP C 292 -32.03 -18.45 -2.74
N PHE C 293 -31.40 -17.30 -2.97
CA PHE C 293 -31.77 -16.09 -2.24
C PHE C 293 -33.10 -15.54 -2.73
N ASP C 294 -33.86 -14.97 -1.82
CA ASP C 294 -35.10 -14.28 -2.16
C ASP C 294 -35.14 -12.98 -1.39
N MET C 295 -36.21 -12.20 -1.54
CA MET C 295 -36.33 -10.83 -0.98
C MET C 295 -35.95 -10.75 0.49
N GLU C 296 -36.46 -11.70 1.25
CA GLU C 296 -36.28 -11.77 2.69
C GLU C 296 -34.82 -12.01 3.14
N ASP C 297 -33.98 -12.53 2.24
CA ASP C 297 -32.60 -12.86 2.58
C ASP C 297 -31.66 -11.66 2.50
N ILE C 298 -32.18 -10.53 2.03
CA ILE C 298 -31.34 -9.35 1.81
C ILE C 298 -31.93 -8.15 2.56
N LYS C 299 -31.19 -7.64 3.54
CA LYS C 299 -31.68 -6.52 4.31
C LYS C 299 -30.69 -5.35 4.34
N VAL C 300 -31.20 -4.13 4.55
CA VAL C 300 -30.37 -2.94 4.75
C VAL C 300 -30.62 -2.43 6.18
N GLU C 301 -29.55 -2.16 6.92
CA GLU C 301 -29.68 -1.59 8.26
C GLU C 301 -29.10 -0.20 8.34
N GLY C 302 -29.78 0.66 9.08
CA GLY C 302 -29.29 2.00 9.35
C GLY C 302 -29.46 2.97 8.19
N TYR C 303 -30.38 2.68 7.26
CA TYR C 303 -30.65 3.63 6.16
C TYR C 303 -31.48 4.80 6.65
N ASP C 304 -30.87 6.00 6.63
CA ASP C 304 -31.56 7.24 6.99
C ASP C 304 -31.43 8.36 5.94
N PRO C 305 -32.11 8.22 4.78
CA PRO C 305 -31.87 9.23 3.74
C PRO C 305 -32.64 10.54 3.96
N HIS C 306 -32.17 11.60 3.30
CA HIS C 306 -32.97 12.81 3.08
C HIS C 306 -34.20 12.42 2.24
N PRO C 307 -35.22 13.30 2.13
CA PRO C 307 -36.46 12.89 1.43
C PRO C 307 -36.30 12.51 -0.07
N THR C 308 -37.29 11.80 -0.61
CA THR C 308 -37.39 11.47 -2.03
C THR C 308 -37.37 12.74 -2.88
N ILE C 309 -36.54 12.76 -3.92
CA ILE C 309 -36.67 13.83 -4.90
C ILE C 309 -37.35 13.30 -6.15
N LYS C 310 -38.55 13.80 -6.39
CA LYS C 310 -39.40 13.45 -7.53
C LYS C 310 -38.86 14.04 -8.84
N ALA C 311 -38.90 13.26 -9.92
CA ALA C 311 -38.43 13.69 -11.25
C ALA C 311 -39.22 13.04 -12.39
N PRO C 312 -39.38 13.75 -13.53
CA PRO C 312 -40.01 13.11 -14.70
C PRO C 312 -39.12 12.00 -15.25
N ILE C 313 -39.72 10.86 -15.58
CA ILE C 313 -38.92 9.71 -16.01
C ILE C 313 -38.19 9.98 -17.35
N MET D 1 -1.98 13.11 -20.82
CA MET D 1 -0.52 13.41 -20.85
C MET D 1 0.32 12.27 -20.31
N GLU D 2 1.60 12.27 -20.70
CA GLU D 2 2.54 11.23 -20.33
C GLU D 2 2.55 11.08 -18.80
N GLU D 3 2.48 12.21 -18.11
CA GLU D 3 2.46 12.23 -16.64
C GLU D 3 1.33 11.32 -16.09
N ALA D 4 0.22 11.18 -16.80
CA ALA D 4 -0.84 10.30 -16.32
C ALA D 4 -0.42 8.83 -16.38
N TYR D 5 0.32 8.47 -17.43
CA TYR D 5 0.83 7.13 -17.60
C TYR D 5 1.90 6.88 -16.51
N LEU D 6 2.80 7.84 -16.33
CA LEU D 6 3.89 7.69 -15.35
C LEU D 6 3.33 7.58 -13.94
N ALA D 7 2.26 8.33 -13.65
CA ALA D 7 1.61 8.25 -12.34
C ALA D 7 1.02 6.86 -12.04
N LEU D 8 0.53 6.18 -13.07
CA LEU D 8 0.01 4.81 -12.93
C LEU D 8 1.13 3.86 -12.52
N GLY D 9 2.25 3.86 -13.27
CA GLY D 9 3.43 2.99 -12.90
C GLY D 9 3.91 3.26 -11.47
N LYS D 10 4.01 4.53 -11.09
CA LYS D 10 4.41 4.86 -9.75
C LYS D 10 3.41 4.34 -8.69
N LYS D 11 2.11 4.51 -8.93
CA LYS D 11 1.10 4.02 -8.00
C LYS D 11 1.18 2.49 -7.81
N ILE D 12 1.42 1.75 -8.89
CA ILE D 12 1.58 0.29 -8.81
C ILE D 12 2.86 -0.10 -8.04
N LEU D 13 3.96 0.63 -8.27
CA LEU D 13 5.19 0.40 -7.50
C LEU D 13 4.92 0.65 -6.01
N GLU D 14 4.21 1.73 -5.69
CA GLU D 14 3.95 2.02 -4.26
C GLU D 14 2.90 1.12 -3.58
N GLU D 15 1.78 0.84 -4.24
CA GLU D 15 0.62 0.26 -3.57
C GLU D 15 0.14 -1.04 -4.19
N GLY D 16 0.66 -1.39 -5.35
CA GLY D 16 0.25 -2.60 -6.04
C GLY D 16 0.61 -3.89 -5.31
N HIS D 17 -0.41 -4.59 -4.83
CA HIS D 17 -0.20 -5.86 -4.15
C HIS D 17 0.28 -6.97 -5.10
N PHE D 18 1.04 -7.92 -4.57
CA PHE D 18 1.58 -9.00 -5.35
C PHE D 18 0.46 -9.98 -5.68
N LYS D 19 0.49 -10.52 -6.89
CA LYS D 19 -0.58 -11.38 -7.37
C LYS D 19 0.11 -12.35 -8.29
N GLU D 20 -0.02 -13.64 -8.05
CA GLU D 20 0.50 -14.62 -9.00
C GLU D 20 -0.30 -14.54 -10.30
N ASP D 21 0.22 -15.05 -11.40
CA ASP D 21 -0.48 -14.80 -12.66
C ASP D 21 -0.35 -15.98 -13.57
N ARG D 22 -1.21 -16.01 -14.59
CA ARG D 22 -1.24 -17.08 -15.57
C ARG D 22 0.15 -17.38 -16.13
N THR D 23 0.98 -16.37 -16.37
CA THR D 23 2.32 -16.60 -17.00
C THR D 23 3.37 -17.22 -16.06
N GLY D 24 3.09 -17.20 -14.75
CA GLY D 24 4.07 -17.71 -13.79
C GLY D 24 5.13 -16.65 -13.45
N THR D 25 4.94 -15.43 -13.91
CA THR D 25 5.96 -14.40 -13.70
C THR D 25 5.77 -13.75 -12.34
N GLY D 26 4.50 -13.53 -11.98
CA GLY D 26 4.14 -12.72 -10.79
C GLY D 26 4.06 -11.25 -11.16
N THR D 27 3.03 -10.56 -10.64
CA THR D 27 2.82 -9.14 -10.87
C THR D 27 2.53 -8.37 -9.57
N TYR D 28 2.72 -7.05 -9.62
CA TYR D 28 2.11 -6.12 -8.70
C TYR D 28 0.93 -5.53 -9.45
N SER D 29 -0.21 -5.41 -8.77
CA SER D 29 -1.46 -5.16 -9.48
C SER D 29 -2.42 -4.20 -8.75
N LEU D 30 -3.16 -3.43 -9.54
CA LEU D 30 -4.22 -2.54 -9.07
C LEU D 30 -5.43 -2.84 -9.94
N PHE D 31 -6.62 -2.54 -9.42
CA PHE D 31 -7.83 -2.79 -10.17
C PHE D 31 -8.71 -1.52 -10.28
N GLY D 32 -9.05 -1.14 -11.50
CA GLY D 32 -9.87 0.07 -11.73
C GLY D 32 -8.99 1.32 -11.82
N TYR D 33 -8.79 1.83 -13.04
CA TYR D 33 -7.99 3.03 -13.24
C TYR D 33 -8.44 3.75 -14.52
N GLN D 34 -8.26 5.06 -14.61
CA GLN D 34 -8.63 5.75 -15.85
C GLN D 34 -7.64 6.86 -16.16
N MET D 35 -7.19 6.88 -17.40
CA MET D 35 -6.26 7.92 -17.90
C MET D 35 -6.90 8.66 -19.06
N ARG D 36 -6.59 9.97 -19.24
CA ARG D 36 -7.13 10.75 -20.38
C ARG D 36 -5.99 11.39 -21.18
N PHE D 37 -6.05 11.29 -22.51
CA PHE D 37 -5.07 11.97 -23.33
C PHE D 37 -5.82 12.87 -24.30
N ASP D 38 -5.55 14.18 -24.25
CA ASP D 38 -6.19 15.13 -25.16
C ASP D 38 -5.39 15.02 -26.43
N LEU D 39 -6.01 14.48 -27.47
CA LEU D 39 -5.24 14.17 -28.69
C LEU D 39 -4.82 15.43 -29.45
N ALA D 40 -5.46 16.56 -29.14
CA ALA D 40 -5.01 17.85 -29.70
C ALA D 40 -3.68 18.37 -29.11
N LYS D 41 -3.22 17.79 -28.00
CA LYS D 41 -1.93 18.20 -27.39
C LYS D 41 -0.70 17.42 -27.92
N GLY D 42 -0.92 16.50 -28.86
CA GLY D 42 0.16 15.73 -29.42
C GLY D 42 -0.19 14.27 -29.45
N PHE D 43 0.52 13.53 -30.30
CA PHE D 43 0.26 12.15 -30.47
C PHE D 43 0.96 11.37 -29.34
N PRO D 44 0.21 10.52 -28.62
CA PRO D 44 0.74 10.04 -27.33
C PRO D 44 1.66 8.79 -27.42
N LEU D 45 2.78 8.98 -28.13
CA LEU D 45 3.85 8.00 -28.20
C LEU D 45 4.86 8.40 -27.13
N LEU D 46 5.01 7.57 -26.10
CA LEU D 46 5.81 7.95 -24.92
C LEU D 46 7.21 8.44 -25.26
N THR D 47 7.64 9.46 -24.52
CA THR D 47 8.96 10.06 -24.75
C THR D 47 10.01 9.62 -23.69
N THR D 48 9.55 9.13 -22.54
CA THR D 48 10.50 8.72 -21.46
C THR D 48 11.21 7.40 -21.73
N LYS D 49 10.84 6.76 -22.84
CA LYS D 49 11.58 5.64 -23.42
C LYS D 49 11.14 5.55 -24.88
N ARG D 50 11.97 4.96 -25.73
CA ARG D 50 11.66 4.85 -27.14
C ARG D 50 10.59 3.80 -27.34
N VAL D 51 9.48 4.18 -27.98
CA VAL D 51 8.42 3.27 -28.39
C VAL D 51 8.40 3.19 -29.95
N PRO D 52 8.58 1.99 -30.52
CA PRO D 52 8.76 1.82 -32.00
C PRO D 52 7.44 1.93 -32.78
N PHE D 53 7.23 3.08 -33.39
CA PHE D 53 5.93 3.36 -33.99
C PHE D 53 5.60 2.39 -35.13
N GLY D 54 6.63 1.99 -35.88
CA GLY D 54 6.46 1.04 -36.97
C GLY D 54 5.72 -0.22 -36.53
N LEU D 55 6.00 -0.71 -35.33
CA LEU D 55 5.30 -1.92 -34.78
C LEU D 55 3.84 -1.66 -34.40
N ILE D 56 3.57 -0.49 -33.83
CA ILE D 56 2.22 -0.13 -33.45
C ILE D 56 1.39 -0.02 -34.73
N LYS D 57 1.99 0.61 -35.74
CA LYS D 57 1.33 0.87 -37.00
C LYS D 57 1.02 -0.40 -37.80
N SER D 58 1.97 -1.34 -37.94
CA SER D 58 1.69 -2.57 -38.71
C SER D 58 0.72 -3.46 -37.93
N GLU D 59 0.80 -3.43 -36.60
CA GLU D 59 -0.16 -4.20 -35.79
C GLU D 59 -1.61 -3.71 -35.96
N LEU D 60 -1.82 -2.40 -35.91
CA LEU D 60 -3.17 -1.85 -36.11
C LEU D 60 -3.67 -2.15 -37.56
N LEU D 61 -2.80 -2.01 -38.56
CA LEU D 61 -3.21 -2.23 -39.93
C LEU D 61 -3.68 -3.69 -40.11
N TRP D 62 -2.95 -4.62 -39.49
CA TRP D 62 -3.30 -6.06 -39.41
C TRP D 62 -4.68 -6.25 -38.78
N PHE D 63 -4.93 -5.63 -37.63
CA PHE D 63 -6.27 -5.66 -37.00
C PHE D 63 -7.36 -5.12 -37.97
N LEU D 64 -7.10 -3.96 -38.57
CA LEU D 64 -8.05 -3.33 -39.49
C LEU D 64 -8.40 -4.15 -40.72
N LYS D 65 -7.41 -4.89 -41.25
CA LYS D 65 -7.70 -5.75 -42.41
C LYS D 65 -8.39 -7.09 -42.08
N GLY D 66 -8.60 -7.36 -40.79
CA GLY D 66 -9.29 -8.57 -40.36
C GLY D 66 -8.40 -9.80 -40.20
N ASP D 67 -7.10 -9.61 -40.23
CA ASP D 67 -6.15 -10.74 -40.31
C ASP D 67 -5.76 -11.19 -38.89
N THR D 68 -5.70 -12.51 -38.71
CA THR D 68 -5.32 -13.10 -37.43
C THR D 68 -4.14 -14.09 -37.61
N ASN D 69 -3.49 -14.02 -38.75
CA ASN D 69 -2.28 -14.82 -39.02
C ASN D 69 -1.03 -13.93 -38.97
N ILE D 70 -0.02 -14.35 -38.19
CA ILE D 70 1.15 -13.47 -37.99
C ILE D 70 2.04 -13.26 -39.20
N ARG D 71 1.77 -13.94 -40.30
CA ARG D 71 2.67 -13.82 -41.44
C ARG D 71 2.77 -12.38 -41.94
N TYR D 72 1.63 -11.68 -41.96
CA TYR D 72 1.58 -10.31 -42.37
C TYR D 72 2.54 -9.43 -41.51
N LEU D 73 2.54 -9.66 -40.19
CA LEU D 73 3.44 -9.00 -39.26
C LEU D 73 4.92 -9.35 -39.48
N LEU D 74 5.21 -10.63 -39.76
CA LEU D 74 6.57 -11.06 -40.05
C LEU D 74 7.17 -10.43 -41.30
N GLU D 75 6.34 -10.27 -42.34
CA GLU D 75 6.75 -9.60 -43.57
C GLU D 75 7.21 -8.18 -43.26
N ARG D 76 6.63 -7.56 -42.24
CA ARG D 76 6.93 -6.19 -41.88
C ARG D 76 7.83 -6.12 -40.66
N ASN D 77 8.47 -7.23 -40.35
CA ASN D 77 9.47 -7.26 -39.28
C ASN D 77 8.87 -6.94 -37.94
N ASN D 78 7.62 -7.34 -37.74
CA ASN D 78 7.00 -7.14 -36.46
C ASN D 78 6.85 -8.53 -35.80
N HIS D 79 7.59 -8.75 -34.71
CA HIS D 79 7.59 -10.03 -34.03
C HIS D 79 6.85 -10.02 -32.72
N ILE D 80 6.05 -8.98 -32.46
CA ILE D 80 5.43 -8.87 -31.11
C ILE D 80 4.39 -9.96 -30.76
N TRP D 81 3.84 -10.61 -31.77
CA TRP D 81 2.90 -11.72 -31.58
C TRP D 81 3.51 -13.12 -31.76
N ASP D 82 4.81 -13.20 -32.02
CA ASP D 82 5.46 -14.50 -32.36
C ASP D 82 5.31 -15.55 -31.27
N GLU D 83 5.47 -15.16 -30.00
CA GLU D 83 5.54 -16.15 -28.92
C GLU D 83 4.27 -16.99 -28.75
N TRP D 84 3.11 -16.40 -28.99
CA TRP D 84 1.85 -17.14 -28.87
C TRP D 84 1.70 -18.13 -30.03
N ALA D 85 2.12 -17.76 -31.24
CA ALA D 85 2.09 -18.71 -32.36
C ALA D 85 3.15 -19.80 -32.16
N PHE D 86 4.32 -19.41 -31.71
CA PHE D 86 5.41 -20.39 -31.51
C PHE D 86 5.00 -21.43 -30.47
N GLU D 87 4.39 -20.98 -29.38
CA GLU D 87 3.91 -21.87 -28.33
C GLU D 87 2.92 -22.91 -28.87
N ARG D 88 2.02 -22.50 -29.76
CA ARG D 88 1.09 -23.43 -30.38
C ARG D 88 1.82 -24.47 -31.22
N TYR D 89 2.78 -24.01 -32.02
CA TYR D 89 3.63 -24.93 -32.80
C TYR D 89 4.45 -25.90 -31.93
N VAL D 90 5.07 -25.41 -30.86
CA VAL D 90 5.87 -26.33 -30.00
C VAL D 90 5.06 -27.34 -29.19
N LYS D 91 3.79 -27.05 -28.95
CA LYS D 91 2.92 -27.97 -28.23
C LYS D 91 2.24 -28.96 -29.18
N SER D 92 2.48 -28.82 -30.50
CA SER D 92 1.76 -29.57 -31.54
C SER D 92 2.43 -30.88 -31.82
N ALA D 93 1.73 -31.78 -32.50
CA ALA D 93 2.31 -33.06 -32.89
C ALA D 93 3.48 -32.88 -33.85
N ASP D 94 3.53 -31.76 -34.56
CA ASP D 94 4.53 -31.57 -35.66
C ASP D 94 5.94 -31.14 -35.23
N TYR D 95 6.09 -30.59 -34.03
CA TYR D 95 7.36 -30.04 -33.56
C TYR D 95 8.36 -31.13 -33.16
N GLN D 96 9.53 -31.14 -33.78
CA GLN D 96 10.51 -32.17 -33.47
C GLN D 96 11.80 -31.59 -32.91
N GLY D 97 11.85 -30.30 -32.65
CA GLY D 97 13.07 -29.75 -32.04
C GLY D 97 13.24 -30.04 -30.54
N PRO D 98 14.27 -29.46 -29.91
CA PRO D 98 14.47 -29.64 -28.47
C PRO D 98 13.31 -29.16 -27.64
N ASP D 99 13.16 -29.74 -26.46
CA ASP D 99 12.02 -29.44 -25.62
C ASP D 99 11.90 -27.90 -25.38
N MET D 100 10.70 -27.35 -25.59
CA MET D 100 10.50 -25.92 -25.40
C MET D 100 9.48 -25.59 -24.31
N THR D 101 9.28 -26.50 -23.35
CA THR D 101 8.36 -26.15 -22.28
C THR D 101 8.96 -24.98 -21.47
N ASP D 102 8.12 -23.98 -21.19
CA ASP D 102 8.46 -22.88 -20.29
C ASP D 102 9.54 -22.00 -20.92
N PHE D 103 9.61 -22.00 -22.25
CA PHE D 103 10.65 -21.24 -22.92
C PHE D 103 10.72 -19.77 -22.48
N GLY D 104 9.57 -19.16 -22.22
CA GLY D 104 9.49 -17.75 -21.87
C GLY D 104 10.31 -17.40 -20.64
N HIS D 105 10.32 -18.30 -19.65
CA HIS D 105 11.19 -18.13 -18.47
C HIS D 105 12.61 -18.67 -18.61
N ARG D 106 12.73 -19.80 -19.31
CA ARG D 106 14.02 -20.44 -19.45
C ARG D 106 15.06 -19.66 -20.27
N VAL D 107 14.66 -18.90 -21.30
CA VAL D 107 15.63 -18.06 -22.02
C VAL D 107 16.38 -17.10 -21.09
N LEU D 108 15.72 -16.68 -20.01
CA LEU D 108 16.27 -15.74 -19.01
C LEU D 108 17.32 -16.36 -18.07
N GLN D 109 17.13 -17.63 -17.70
CA GLN D 109 17.97 -18.32 -16.72
C GLN D 109 19.11 -19.16 -17.30
N ASP D 110 19.12 -19.37 -18.62
CA ASP D 110 19.89 -20.48 -19.21
C ASP D 110 20.38 -20.21 -20.65
N PRO D 111 21.64 -19.76 -20.81
CA PRO D 111 22.17 -19.35 -22.12
C PRO D 111 22.17 -20.47 -23.18
N ALA D 112 22.51 -21.69 -22.79
CA ALA D 112 22.48 -22.82 -23.74
C ALA D 112 21.05 -23.04 -24.28
N PHE D 113 20.06 -22.97 -23.40
CA PHE D 113 18.65 -22.97 -23.82
C PHE D 113 18.27 -21.79 -24.73
N ALA D 114 18.69 -20.58 -24.34
CA ALA D 114 18.37 -19.36 -25.11
C ALA D 114 18.88 -19.46 -26.55
N GLU D 115 19.98 -20.17 -26.75
CA GLU D 115 20.47 -20.40 -28.11
C GLU D 115 19.59 -21.36 -28.89
N GLN D 116 19.07 -22.40 -28.23
CA GLN D 116 18.18 -23.34 -28.91
C GLN D 116 16.88 -22.64 -29.29
N TYR D 117 16.30 -21.94 -28.32
CA TYR D 117 15.17 -21.07 -28.56
C TYR D 117 15.39 -20.13 -29.75
N LYS D 118 16.47 -19.38 -29.75
CA LYS D 118 16.71 -18.48 -30.87
C LYS D 118 16.80 -19.18 -32.25
N GLU D 119 17.52 -20.31 -32.31
CA GLU D 119 17.62 -21.11 -33.55
C GLU D 119 16.24 -21.62 -34.03
N GLU D 120 15.47 -22.23 -33.11
CA GLU D 120 14.10 -22.70 -33.39
C GLU D 120 13.16 -21.55 -33.83
N HIS D 121 13.27 -20.42 -33.14
CA HIS D 121 12.41 -19.26 -33.44
C HIS D 121 12.72 -18.73 -34.85
N GLN D 122 14.01 -18.61 -35.20
CA GLN D 122 14.41 -18.27 -36.59
C GLN D 122 13.87 -19.29 -37.59
N LYS D 123 13.92 -20.59 -37.28
CA LYS D 123 13.40 -21.59 -38.22
C LYS D 123 11.89 -21.43 -38.42
N PHE D 124 11.20 -21.14 -37.31
CA PHE D 124 9.75 -20.93 -37.28
C PHE D 124 9.35 -19.75 -38.15
N CYS D 125 9.93 -18.57 -37.92
CA CYS D 125 9.68 -17.38 -38.78
C CYS D 125 9.96 -17.60 -40.26
N ASP D 126 11.08 -18.26 -40.58
CA ASP D 126 11.45 -18.54 -41.95
C ASP D 126 10.41 -19.46 -42.60
N ALA D 127 9.94 -20.47 -41.87
CA ALA D 127 8.90 -21.40 -42.35
C ALA D 127 7.52 -20.70 -42.56
N ILE D 128 7.12 -19.81 -41.64
CA ILE D 128 5.91 -19.00 -41.83
C ILE D 128 6.10 -18.10 -43.05
N LEU D 129 7.29 -17.55 -43.22
CA LEU D 129 7.55 -16.68 -44.38
C LEU D 129 7.57 -17.43 -45.72
N ASN D 130 8.14 -18.64 -45.76
CA ASN D 130 8.43 -19.27 -47.08
C ASN D 130 7.66 -20.55 -47.41
N ASP D 131 6.81 -20.99 -46.51
CA ASP D 131 6.06 -22.22 -46.72
C ASP D 131 4.59 -21.99 -46.37
N ALA D 132 3.75 -21.90 -47.41
CA ALA D 132 2.38 -21.43 -47.21
C ALA D 132 1.47 -22.42 -46.45
N GLU D 133 1.71 -23.70 -46.58
CA GLU D 133 0.99 -24.65 -45.73
C GLU D 133 1.33 -24.48 -44.24
N PHE D 134 2.62 -24.37 -43.92
CA PHE D 134 3.08 -24.13 -42.57
C PHE D 134 2.51 -22.83 -42.03
N ALA D 135 2.60 -21.74 -42.82
CA ALA D 135 2.03 -20.46 -42.40
C ALA D 135 0.55 -20.60 -42.01
N GLU D 136 -0.22 -21.28 -42.85
CA GLU D 136 -1.66 -21.42 -42.68
C GLU D 136 -1.98 -22.15 -41.38
N LYS D 137 -1.26 -23.24 -41.11
CA LYS D 137 -1.42 -24.02 -39.89
C LYS D 137 -0.87 -23.30 -38.63
N TYR D 138 0.37 -22.82 -38.67
CA TYR D 138 1.05 -22.33 -37.46
C TYR D 138 1.13 -20.83 -37.23
N GLY D 139 0.76 -20.07 -38.25
CA GLY D 139 0.68 -18.62 -38.11
C GLY D 139 -0.58 -18.19 -37.38
N GLU D 140 -1.56 -19.10 -37.22
CA GLU D 140 -2.94 -18.73 -36.83
C GLU D 140 -3.11 -18.50 -35.32
N LEU D 141 -3.72 -17.39 -34.94
CA LEU D 141 -3.89 -17.10 -33.51
C LEU D 141 -5.34 -17.28 -33.03
N GLY D 142 -6.23 -17.64 -33.97
CA GLY D 142 -7.65 -17.84 -33.66
C GLY D 142 -8.39 -16.54 -33.87
N ASN D 143 -9.60 -16.42 -33.33
CA ASN D 143 -10.45 -15.27 -33.68
C ASN D 143 -10.19 -14.10 -32.78
N ILE D 144 -8.98 -13.56 -32.86
CA ILE D 144 -8.62 -12.41 -32.03
C ILE D 144 -9.08 -11.10 -32.69
N TYR D 145 -8.50 -9.97 -32.30
CA TYR D 145 -9.02 -8.65 -32.62
C TYR D 145 -9.45 -8.48 -34.07
N GLY D 146 -8.60 -8.88 -35.01
CA GLY D 146 -8.91 -8.71 -36.41
C GLY D 146 -10.23 -9.33 -36.80
N ALA D 147 -10.44 -10.55 -36.33
CA ALA D 147 -11.63 -11.29 -36.72
C ALA D 147 -12.90 -10.72 -36.09
N GLN D 148 -12.85 -10.28 -34.83
CA GLN D 148 -14.07 -9.73 -34.23
C GLN D 148 -14.43 -8.31 -34.74
N TRP D 149 -13.40 -7.53 -35.10
CA TRP D 149 -13.62 -6.18 -35.64
C TRP D 149 -14.30 -6.20 -37.00
N ARG D 150 -13.85 -7.11 -37.85
CA ARG D 150 -14.26 -7.16 -39.24
C ARG D 150 -15.24 -8.30 -39.53
N HIS D 151 -15.29 -9.32 -38.66
CA HIS D 151 -15.94 -10.58 -39.08
C HIS D 151 -16.51 -11.36 -37.90
N TRP D 152 -17.21 -10.68 -37.00
CA TRP D 152 -17.88 -11.38 -35.90
C TRP D 152 -18.93 -12.33 -36.53
N GLU D 153 -18.76 -13.64 -36.33
CA GLU D 153 -19.61 -14.63 -36.99
C GLU D 153 -21.00 -14.69 -36.36
N THR D 154 -22.03 -14.68 -37.19
CA THR D 154 -23.40 -14.76 -36.69
C THR D 154 -23.86 -16.22 -36.56
N LYS D 155 -25.02 -16.41 -35.95
CA LYS D 155 -25.65 -17.74 -35.86
C LYS D 155 -26.26 -18.23 -37.16
N ASP D 156 -26.52 -17.36 -38.12
CA ASP D 156 -27.17 -17.78 -39.38
C ASP D 156 -26.25 -17.73 -40.62
N GLY D 157 -24.99 -18.10 -40.45
CA GLY D 157 -24.02 -18.25 -41.52
C GLY D 157 -23.52 -16.97 -42.20
N SER D 158 -23.35 -15.89 -41.45
CA SER D 158 -22.79 -14.65 -42.01
C SER D 158 -21.80 -14.06 -41.00
N PHE D 159 -21.52 -12.76 -41.11
CA PHE D 159 -20.57 -12.08 -40.20
C PHE D 159 -20.94 -10.60 -40.08
N ILE D 160 -20.65 -9.98 -38.95
CA ILE D 160 -20.88 -8.56 -38.81
C ILE D 160 -19.56 -7.81 -38.90
N ASP D 161 -19.50 -6.81 -39.79
CA ASP D 161 -18.35 -5.93 -39.88
C ASP D 161 -18.51 -4.78 -38.85
N GLN D 162 -18.20 -5.08 -37.59
CA GLN D 162 -18.51 -4.20 -36.46
C GLN D 162 -17.89 -2.85 -36.61
N LEU D 163 -16.61 -2.83 -36.99
CA LEU D 163 -15.89 -1.60 -37.03
C LEU D 163 -16.33 -0.76 -38.22
N ALA D 164 -16.53 -1.37 -39.41
CA ALA D 164 -17.05 -0.58 -40.52
C ALA D 164 -18.39 0.03 -40.11
N ASN D 165 -19.28 -0.75 -39.49
CA ASN D 165 -20.60 -0.23 -39.08
C ASN D 165 -20.50 0.97 -38.13
N VAL D 166 -19.60 0.90 -37.16
CA VAL D 166 -19.49 1.99 -36.18
C VAL D 166 -18.98 3.27 -36.85
N ILE D 167 -18.04 3.14 -37.77
CA ILE D 167 -17.57 4.30 -38.52
C ILE D 167 -18.72 4.92 -39.30
N GLU D 168 -19.57 4.12 -39.94
CA GLU D 168 -20.65 4.69 -40.74
C GLU D 168 -21.69 5.34 -39.82
N MET D 169 -21.91 4.78 -38.63
CA MET D 169 -22.83 5.39 -37.64
C MET D 169 -22.35 6.75 -37.09
N ILE D 170 -21.05 6.87 -36.86
CA ILE D 170 -20.45 8.18 -36.49
C ILE D 170 -20.80 9.27 -37.50
N LYS D 171 -20.80 8.90 -38.79
CA LYS D 171 -21.10 9.87 -39.83
C LYS D 171 -22.55 10.34 -39.81
N THR D 172 -23.51 9.44 -39.61
CA THR D 172 -24.94 9.81 -39.78
C THR D 172 -25.70 9.90 -38.46
N ASN D 173 -25.16 9.27 -37.42
CA ASN D 173 -25.79 9.28 -36.10
C ASN D 173 -24.76 9.58 -35.00
N PRO D 174 -24.08 10.73 -35.07
CA PRO D 174 -22.94 11.01 -34.18
C PRO D 174 -23.30 11.09 -32.67
N ASP D 175 -24.57 11.28 -32.35
CA ASP D 175 -24.96 11.37 -30.94
C ASP D 175 -25.43 10.02 -30.39
N SER D 176 -25.26 8.98 -31.18
CA SER D 176 -25.60 7.64 -30.73
C SER D 176 -24.80 7.26 -29.49
N ARG D 177 -25.47 6.58 -28.57
CA ARG D 177 -24.79 6.11 -27.36
C ARG D 177 -24.44 4.64 -27.49
N ARG D 178 -24.46 4.15 -28.74
CA ARG D 178 -24.21 2.74 -29.10
C ARG D 178 -23.02 2.58 -30.06
N LEU D 179 -22.10 3.54 -30.05
CA LEU D 179 -20.97 3.51 -30.98
C LEU D 179 -19.87 2.58 -30.42
N ILE D 180 -20.15 1.29 -30.38
CA ILE D 180 -19.35 0.32 -29.61
C ILE D 180 -18.79 -0.74 -30.54
N VAL D 181 -17.55 -1.18 -30.29
CA VAL D 181 -16.97 -2.37 -30.92
C VAL D 181 -16.47 -3.24 -29.77
N SER D 182 -16.86 -4.52 -29.78
CA SER D 182 -16.45 -5.46 -28.77
C SER D 182 -15.62 -6.56 -29.40
N ALA D 183 -14.50 -6.90 -28.78
CA ALA D 183 -13.71 -8.03 -29.23
C ALA D 183 -14.03 -9.22 -28.34
N TRP D 184 -14.86 -9.01 -27.32
CA TRP D 184 -15.13 -10.09 -26.38
C TRP D 184 -16.26 -10.98 -26.88
N ASN D 185 -15.90 -12.06 -27.57
CA ASN D 185 -16.88 -12.99 -28.15
C ASN D 185 -16.82 -14.25 -27.33
N PRO D 186 -17.80 -14.47 -26.44
CA PRO D 186 -17.70 -15.60 -25.49
C PRO D 186 -17.45 -16.92 -26.19
N GLU D 187 -18.07 -17.08 -27.35
CA GLU D 187 -18.00 -18.33 -28.04
C GLU D 187 -16.58 -18.61 -28.53
N ASP D 188 -15.88 -17.57 -28.99
CA ASP D 188 -14.56 -17.74 -29.58
C ASP D 188 -13.40 -17.64 -28.57
N VAL D 189 -13.69 -17.10 -27.38
CA VAL D 189 -12.64 -16.86 -26.40
C VAL D 189 -11.73 -18.09 -26.18
N PRO D 190 -12.32 -19.29 -25.93
CA PRO D 190 -11.44 -20.43 -25.58
C PRO D 190 -10.53 -20.89 -26.72
N SER D 191 -10.83 -20.55 -27.97
CA SER D 191 -9.86 -20.89 -29.03
C SER D 191 -8.97 -19.72 -29.49
N MET D 192 -9.12 -18.53 -28.89
CA MET D 192 -8.15 -17.43 -29.13
C MET D 192 -6.79 -17.75 -28.49
N ALA D 193 -5.69 -17.38 -29.15
CA ALA D 193 -4.39 -17.60 -28.51
C ALA D 193 -4.41 -16.95 -27.12
N LEU D 194 -4.99 -15.74 -27.03
CA LEU D 194 -5.30 -15.09 -25.73
C LEU D 194 -6.61 -14.36 -25.89
N PRO D 195 -7.43 -14.28 -24.82
CA PRO D 195 -8.64 -13.45 -24.91
C PRO D 195 -8.20 -12.00 -25.08
N PRO D 196 -9.05 -11.11 -25.68
CA PRO D 196 -8.59 -9.73 -25.91
C PRO D 196 -8.28 -8.93 -24.61
N CME D 197 -7.06 -8.45 -24.47
CA CME D 197 -6.65 -7.63 -23.32
CB CME D 197 -5.11 -7.58 -23.26
SG CME D 197 -4.40 -9.19 -22.95
SD CME D 197 -2.45 -8.99 -22.53
CE CME D 197 -2.06 -8.42 -20.89
CZ CME D 197 -1.21 -9.49 -20.18
OH CME D 197 -0.15 -8.99 -19.31
C CME D 197 -7.27 -6.26 -23.39
O CME D 197 -7.67 -5.67 -22.36
N HIS D 198 -7.26 -5.76 -24.62
CA HIS D 198 -8.10 -4.59 -24.88
C HIS D 198 -9.32 -5.13 -25.49
N THR D 199 -10.41 -4.72 -24.71
CA THR D 199 -11.56 -5.62 -24.74
C THR D 199 -12.74 -5.03 -25.53
N MET D 200 -13.10 -3.78 -25.21
CA MET D 200 -14.10 -3.07 -26.04
C MET D 200 -13.93 -1.58 -25.98
N PHE D 201 -14.41 -0.91 -27.01
CA PHE D 201 -14.27 0.52 -27.09
C PHE D 201 -15.53 1.21 -27.57
N GLN D 202 -15.63 2.50 -27.23
CA GLN D 202 -16.82 3.31 -27.49
C GLN D 202 -16.38 4.68 -28.00
N PHE D 203 -17.09 5.23 -28.98
CA PHE D 203 -16.82 6.59 -29.44
C PHE D 203 -17.90 7.57 -28.99
N TYR D 204 -17.58 8.86 -29.08
CA TYR D 204 -18.45 9.95 -28.63
C TYR D 204 -18.12 11.17 -29.46
N VAL D 205 -19.13 11.97 -29.76
CA VAL D 205 -18.93 13.14 -30.61
C VAL D 205 -19.49 14.37 -29.94
N ASN D 206 -18.72 15.45 -29.92
CA ASN D 206 -19.26 16.73 -29.48
C ASN D 206 -18.51 17.89 -30.07
N GLU D 207 -19.27 18.89 -30.50
CA GLU D 207 -18.74 20.11 -31.19
C GLU D 207 -17.69 19.76 -32.23
N GLY D 208 -17.96 18.77 -33.06
CA GLY D 208 -17.04 18.45 -34.13
C GLY D 208 -15.81 17.64 -33.74
N LYS D 209 -15.75 17.13 -32.50
CA LYS D 209 -14.57 16.38 -32.00
C LYS D 209 -14.92 14.91 -31.69
N LEU D 210 -14.08 13.99 -32.17
CA LEU D 210 -14.27 12.58 -31.88
C LEU D 210 -13.41 12.13 -30.68
N SER D 211 -14.06 11.55 -29.68
CA SER D 211 -13.39 10.89 -28.55
C SER D 211 -13.62 9.37 -28.52
N CYS D 212 -12.73 8.65 -27.82
CA CYS D 212 -12.81 7.22 -27.78
C CYS D 212 -12.45 6.79 -26.35
N GLN D 213 -13.22 5.87 -25.79
CA GLN D 213 -12.86 5.21 -24.53
C GLN D 213 -12.69 3.72 -24.79
N LEU D 214 -11.59 3.18 -24.28
CA LEU D 214 -11.30 1.75 -24.29
C LEU D 214 -11.48 1.19 -22.88
N TYR D 215 -12.12 0.03 -22.79
CA TYR D 215 -12.10 -0.77 -21.56
C TYR D 215 -11.05 -1.86 -21.79
N GLN D 216 -9.99 -1.83 -20.98
CA GLN D 216 -8.93 -2.83 -21.06
C GLN D 216 -8.93 -3.75 -19.85
N ARG D 217 -9.35 -5.01 -20.01
CA ARG D 217 -9.52 -5.91 -18.87
C ARG D 217 -8.18 -6.21 -18.22
N SER D 218 -7.11 -6.11 -18.99
CA SER D 218 -5.82 -6.58 -18.53
C SER D 218 -4.76 -5.74 -19.19
N ALA D 219 -3.95 -5.06 -18.37
CA ALA D 219 -2.98 -4.06 -18.87
C ALA D 219 -1.60 -4.34 -18.33
N ASP D 220 -0.70 -4.80 -19.22
CA ASP D 220 0.72 -4.98 -18.90
C ASP D 220 1.30 -3.57 -18.94
N VAL D 221 1.53 -2.98 -17.78
CA VAL D 221 1.78 -1.53 -17.73
C VAL D 221 3.08 -1.09 -18.39
N PHE D 222 4.18 -1.80 -18.09
CA PHE D 222 5.42 -1.39 -18.69
C PHE D 222 5.57 -1.66 -20.19
N LEU D 223 5.25 -2.87 -20.63
CA LEU D 223 5.49 -3.23 -22.03
C LEU D 223 4.30 -2.99 -22.92
N GLY D 224 3.09 -3.37 -22.48
CA GLY D 224 1.94 -3.37 -23.39
C GLY D 224 1.18 -2.06 -23.47
N VAL D 225 0.97 -1.39 -22.32
CA VAL D 225 0.18 -0.16 -22.28
C VAL D 225 0.70 0.99 -23.22
N PRO D 226 2.04 1.20 -23.32
CA PRO D 226 2.52 2.22 -24.29
C PRO D 226 2.15 1.94 -25.75
N PHE D 227 2.05 0.66 -26.13
CA PHE D 227 1.59 0.26 -27.48
C PHE D 227 0.06 0.45 -27.60
N ASN D 228 -0.70 -0.03 -26.60
CA ASN D 228 -2.14 0.14 -26.58
C ASN D 228 -2.59 1.62 -26.66
N ILE D 229 -2.01 2.48 -25.84
CA ILE D 229 -2.33 3.91 -25.91
C ILE D 229 -2.09 4.44 -27.34
N ALA D 230 -0.89 4.21 -27.89
CA ALA D 230 -0.58 4.72 -29.21
C ALA D 230 -1.51 4.11 -30.26
N SER D 231 -1.83 2.84 -30.08
CA SER D 231 -2.62 2.11 -31.06
C SER D 231 -4.07 2.69 -31.18
N TYR D 232 -4.73 2.94 -30.03
CA TYR D 232 -6.10 3.50 -30.03
C TYR D 232 -6.13 5.01 -30.42
N ALA D 233 -5.11 5.73 -30.02
CA ALA D 233 -4.95 7.12 -30.45
C ALA D 233 -4.88 7.15 -31.97
N LEU D 234 -4.06 6.26 -32.54
CA LEU D 234 -3.90 6.18 -33.97
C LEU D 234 -5.25 5.83 -34.64
N LEU D 235 -5.96 4.85 -34.07
CA LEU D 235 -7.24 4.43 -34.58
C LEU D 235 -8.25 5.58 -34.55
N THR D 236 -8.29 6.34 -33.44
CA THR D 236 -9.16 7.50 -33.34
C THR D 236 -8.83 8.55 -34.41
N HIS D 237 -7.56 8.78 -34.71
CA HIS D 237 -7.21 9.75 -35.75
C HIS D 237 -7.66 9.29 -37.14
N LEU D 238 -7.52 8.00 -37.41
CA LEU D 238 -7.89 7.48 -38.72
C LEU D 238 -9.39 7.61 -38.96
N ILE D 239 -10.17 7.30 -37.92
CA ILE D 239 -11.61 7.45 -37.98
C ILE D 239 -12.07 8.92 -38.08
N ALA D 240 -11.49 9.79 -37.25
CA ALA D 240 -11.68 11.23 -37.35
C ALA D 240 -11.43 11.70 -38.80
N HIS D 241 -10.29 11.29 -39.35
CA HIS D 241 -9.93 11.56 -40.76
C HIS D 241 -11.03 11.14 -41.74
N GLU D 242 -11.49 9.88 -41.69
CA GLU D 242 -12.56 9.41 -42.62
C GLU D 242 -13.86 10.18 -42.42
N THR D 243 -14.20 10.43 -41.16
CA THR D 243 -15.51 10.99 -40.88
C THR D 243 -15.50 12.53 -40.97
N GLY D 244 -14.35 13.11 -41.25
CA GLY D 244 -14.25 14.57 -41.35
C GLY D 244 -14.37 15.29 -40.00
N LEU D 245 -13.93 14.65 -38.91
CA LEU D 245 -13.97 15.24 -37.56
C LEU D 245 -12.57 15.59 -37.08
N GLU D 246 -12.50 16.44 -36.06
CA GLU D 246 -11.24 16.73 -35.38
C GLU D 246 -11.13 15.70 -34.26
N VAL D 247 -9.94 15.61 -33.63
CA VAL D 247 -9.76 14.69 -32.51
C VAL D 247 -10.07 15.35 -31.16
N GLY D 248 -10.76 14.58 -30.30
CA GLY D 248 -11.00 14.95 -28.89
C GLY D 248 -10.05 14.23 -27.95
N GLU D 249 -10.58 13.35 -27.09
CA GLU D 249 -9.79 12.66 -26.04
C GLU D 249 -9.77 11.16 -26.25
N PHE D 250 -8.64 10.55 -25.93
CA PHE D 250 -8.62 9.13 -25.75
C PHE D 250 -8.69 8.83 -24.22
N VAL D 251 -9.69 8.06 -23.79
CA VAL D 251 -9.87 7.74 -22.38
C VAL D 251 -9.58 6.26 -22.15
N HIS D 252 -8.56 5.97 -21.32
CA HIS D 252 -8.07 4.62 -21.20
C HIS D 252 -8.52 4.11 -19.84
N THR D 253 -9.47 3.18 -19.83
CA THR D 253 -9.93 2.55 -18.60
C THR D 253 -9.33 1.14 -18.45
N LEU D 254 -8.82 0.85 -17.26
CA LEU D 254 -8.15 -0.43 -17.01
C LEU D 254 -8.88 -1.26 -15.98
N GLY D 255 -8.96 -2.57 -16.23
CA GLY D 255 -9.39 -3.55 -15.21
C GLY D 255 -8.18 -3.92 -14.34
N ASP D 256 -7.56 -5.07 -14.59
CA ASP D 256 -6.35 -5.46 -13.84
C ASP D 256 -5.12 -4.75 -14.46
N ALA D 257 -4.65 -3.70 -13.80
CA ALA D 257 -3.48 -3.03 -14.29
C ALA D 257 -2.27 -3.59 -13.53
N HIS D 258 -1.32 -4.16 -14.26
CA HIS D 258 -0.24 -4.87 -13.57
C HIS D 258 1.13 -4.48 -14.10
N LEU D 259 2.09 -4.43 -13.20
CA LEU D 259 3.49 -4.42 -13.53
C LEU D 259 4.08 -5.80 -13.25
N TYR D 260 4.59 -6.45 -14.29
CA TYR D 260 5.33 -7.70 -14.11
C TYR D 260 6.48 -7.46 -13.15
N GLN D 261 6.75 -8.43 -12.29
CA GLN D 261 7.76 -8.16 -11.24
C GLN D 261 9.17 -8.02 -11.81
N ASN D 262 9.38 -8.59 -13.00
CA ASN D 262 10.66 -8.42 -13.71
C ASN D 262 10.64 -7.19 -14.63
N HIS D 263 9.68 -6.29 -14.41
CA HIS D 263 9.68 -4.95 -15.05
C HIS D 263 9.95 -3.78 -14.10
N VAL D 264 10.17 -4.09 -12.82
CA VAL D 264 10.23 -3.06 -11.79
C VAL D 264 11.43 -2.13 -11.94
N GLU D 265 12.63 -2.66 -12.20
CA GLU D 265 13.81 -1.81 -12.40
C GLU D 265 13.61 -0.87 -13.58
N GLN D 266 13.02 -1.42 -14.64
CA GLN D 266 12.79 -0.67 -15.87
C GLN D 266 11.81 0.49 -15.64
N MET D 267 10.71 0.21 -14.93
CA MET D 267 9.73 1.26 -14.56
C MET D 267 10.33 2.35 -13.67
N GLN D 268 11.23 1.94 -12.76
CA GLN D 268 11.95 2.89 -11.90
C GLN D 268 12.91 3.80 -12.71
N GLU D 269 13.65 3.21 -13.67
CA GLU D 269 14.50 4.01 -14.56
C GLU D 269 13.67 4.98 -15.39
N GLN D 270 12.51 4.54 -15.88
CA GLN D 270 11.65 5.42 -16.66
C GLN D 270 11.17 6.63 -15.86
N LEU D 271 10.78 6.40 -14.62
CA LEU D 271 10.33 7.49 -13.75
C LEU D 271 11.42 8.50 -13.35
N SER D 272 12.71 8.18 -13.55
CA SER D 272 13.80 9.15 -13.28
C SER D 272 14.00 10.14 -14.45
N ARG D 273 13.26 9.97 -15.55
CA ARG D 273 13.50 10.73 -16.79
C ARG D 273 12.55 11.91 -17.01
N GLU D 274 13.08 13.05 -17.47
CA GLU D 274 12.23 14.19 -17.78
C GLU D 274 11.35 13.96 -19.03
N VAL D 275 10.04 14.14 -18.88
CA VAL D 275 9.11 14.12 -19.99
C VAL D 275 9.46 15.10 -21.13
N ARG D 276 9.34 14.66 -22.37
CA ARG D 276 9.59 15.52 -23.50
C ARG D 276 8.26 15.78 -24.25
N SER D 277 8.26 16.70 -25.21
CA SER D 277 7.06 16.97 -26.02
C SER D 277 6.61 15.75 -26.80
N PHE D 278 5.30 15.45 -26.78
CA PHE D 278 4.80 14.43 -27.71
C PHE D 278 5.10 14.80 -29.18
N PRO D 279 5.22 13.78 -30.05
CA PRO D 279 5.35 14.09 -31.48
C PRO D 279 4.02 14.44 -32.16
N THR D 280 4.07 14.53 -33.49
CA THR D 280 2.88 14.85 -34.27
C THR D 280 2.59 13.73 -35.26
N LEU D 281 1.32 13.36 -35.36
CA LEU D 281 0.89 12.33 -36.31
C LEU D 281 0.68 12.94 -37.69
N VAL D 282 1.19 12.30 -38.74
CA VAL D 282 1.00 12.78 -40.11
C VAL D 282 0.28 11.66 -40.90
N LEU D 283 -0.87 11.98 -41.51
CA LEU D 283 -1.65 11.05 -42.32
C LEU D 283 -1.72 11.47 -43.78
N ASN D 284 -1.70 10.51 -44.71
CA ASN D 284 -1.92 10.81 -46.13
C ASN D 284 -3.32 11.41 -46.33
N PRO D 285 -3.40 12.70 -46.74
CA PRO D 285 -4.72 13.36 -46.92
C PRO D 285 -5.54 12.82 -48.09
N ASP D 286 -4.91 12.10 -49.01
CA ASP D 286 -5.61 11.49 -50.15
C ASP D 286 -6.31 10.15 -49.88
N LYS D 287 -6.02 9.49 -48.77
CA LYS D 287 -6.77 8.28 -48.42
C LYS D 287 -8.15 8.64 -47.85
N ALA D 288 -9.21 8.01 -48.34
CA ALA D 288 -10.57 8.33 -47.91
C ALA D 288 -11.01 7.42 -46.76
N SER D 289 -10.87 6.11 -46.95
CA SER D 289 -11.30 5.13 -45.95
C SER D 289 -10.17 4.72 -44.99
N VAL D 290 -10.55 4.56 -43.72
CA VAL D 290 -9.68 3.96 -42.72
C VAL D 290 -9.03 2.68 -43.24
N PHE D 291 -9.78 1.90 -44.04
CA PHE D 291 -9.29 0.64 -44.58
C PHE D 291 -8.41 0.77 -45.80
N ASP D 292 -8.26 1.98 -46.36
CA ASP D 292 -7.34 2.24 -47.50
C ASP D 292 -5.89 2.53 -47.08
N PHE D 293 -5.68 2.83 -45.81
CA PHE D 293 -4.36 3.24 -45.32
C PHE D 293 -3.39 2.06 -45.33
N ASP D 294 -2.18 2.33 -45.83
CA ASP D 294 -1.05 1.38 -45.87
C ASP D 294 0.08 1.95 -44.98
N MET D 295 1.16 1.18 -44.79
CA MET D 295 2.26 1.56 -43.87
C MET D 295 2.82 2.95 -44.20
N GLU D 296 3.10 3.20 -45.48
CA GLU D 296 3.68 4.49 -45.89
C GLU D 296 2.73 5.69 -45.75
N ASP D 297 1.44 5.43 -45.50
CA ASP D 297 0.44 6.50 -45.33
C ASP D 297 0.36 7.14 -43.95
N ILE D 298 1.14 6.62 -43.00
CA ILE D 298 1.04 7.01 -41.60
C ILE D 298 2.43 7.20 -40.99
N LYS D 299 2.70 8.37 -40.41
CA LYS D 299 4.02 8.66 -39.79
C LYS D 299 3.86 9.49 -38.56
N VAL D 300 4.87 9.42 -37.67
CA VAL D 300 5.01 10.42 -36.65
C VAL D 300 6.24 11.27 -36.93
N GLU D 301 6.15 12.56 -36.64
CA GLU D 301 7.29 13.42 -36.88
C GLU D 301 7.62 14.21 -35.61
N GLY D 302 8.89 14.57 -35.43
CA GLY D 302 9.32 15.28 -34.23
C GLY D 302 9.34 14.41 -32.99
N TYR D 303 9.63 13.12 -33.19
CA TYR D 303 9.73 12.13 -32.11
C TYR D 303 11.15 12.07 -31.60
N ASP D 304 11.36 12.49 -30.36
CA ASP D 304 12.71 12.58 -29.77
C ASP D 304 12.75 11.98 -28.35
N PRO D 305 12.56 10.65 -28.24
CA PRO D 305 12.43 10.04 -26.92
C PRO D 305 13.78 9.78 -26.24
N HIS D 306 13.74 9.55 -24.93
CA HIS D 306 14.87 9.00 -24.22
C HIS D 306 15.16 7.60 -24.83
N PRO D 307 16.31 6.99 -24.46
CA PRO D 307 16.67 5.68 -25.03
C PRO D 307 15.70 4.50 -24.71
N THR D 308 15.77 3.49 -25.55
CA THR D 308 15.11 2.20 -25.32
C THR D 308 15.38 1.61 -23.91
N ILE D 309 14.34 1.08 -23.26
CA ILE D 309 14.52 0.39 -22.02
C ILE D 309 13.98 -1.03 -22.21
N LYS D 310 14.87 -2.01 -22.30
CA LYS D 310 14.44 -3.36 -22.67
C LYS D 310 13.86 -4.12 -21.50
N ALA D 311 12.90 -5.00 -21.80
CA ALA D 311 12.27 -5.82 -20.80
C ALA D 311 11.71 -7.06 -21.48
N PRO D 312 11.66 -8.19 -20.74
CA PRO D 312 11.15 -9.50 -21.16
C PRO D 312 9.63 -9.56 -21.24
N ILE D 313 9.11 -10.08 -22.34
CA ILE D 313 7.67 -10.31 -22.47
C ILE D 313 7.26 -11.56 -21.64
N ALA D 314 6.11 -11.49 -20.97
CA ALA D 314 5.51 -12.63 -20.23
C ALA D 314 4.60 -13.40 -21.18
N VAL D 315 4.95 -14.66 -21.44
CA VAL D 315 4.19 -15.50 -22.37
C VAL D 315 3.10 -16.29 -21.60
S SO4 E . 19.65 7.89 8.39
O1 SO4 E . 20.35 7.04 7.43
O2 SO4 E . 18.52 7.18 8.96
O3 SO4 E . 20.56 8.24 9.45
O4 SO4 E . 19.20 9.11 7.73
S SO4 F . 10.12 0.71 37.15
O1 SO4 F . 9.34 0.11 36.09
O2 SO4 F . 9.48 0.29 38.39
O3 SO4 F . 10.24 2.15 37.06
O4 SO4 F . 11.52 0.30 37.10
N1 FFO G . 24.01 2.63 5.72
C2 FFO G . 23.05 1.94 5.06
NA2 FFO G . 22.63 2.42 3.88
N3 FFO G . 22.51 0.79 5.54
C4 FFO G . 22.88 0.25 6.72
O4 FFO G . 22.38 -0.82 7.18
C4A FFO G . 23.92 0.97 7.51
N5 FFO G . 24.41 0.42 8.70
C6 FFO G . 25.80 0.85 9.03
C7 FFO G . 26.02 2.35 8.82
N8 FFO G . 25.44 2.88 7.58
C8A FFO G . 24.47 2.21 6.92
C9 FFO G . 26.77 0.06 8.12
N10 FFO G . 26.43 -1.36 7.98
C11 FFO G . 26.80 -3.56 4.46
C12 FFO G . 26.29 -4.16 5.62
C13 FFO G . 26.16 -3.42 6.80
C14 FFO G . 26.57 -2.08 6.83
C15 FFO G . 27.08 -1.47 5.66
C16 FFO G . 27.21 -2.21 4.50
C FFO G . 26.98 -4.34 3.17
O FFO G . 27.27 -3.73 2.15
N FFO G . 26.86 -5.67 3.14
CA FFO G . 26.96 -6.45 1.90
CB FFO G . 28.37 -6.83 1.48
CG FFO G . 29.12 -7.47 2.64
CD FFO G . 30.57 -7.71 2.24
OE1 FFO G . 31.38 -6.80 2.51
OE2 FFO G . 30.90 -8.78 1.71
CT FFO G . 26.12 -7.71 1.96
O1 FFO G . 25.87 -8.35 0.94
O2 FFO G . 25.65 -8.05 3.04
C5A FFO G . 23.50 0.25 9.77
O5B FFO G . 23.74 -0.64 10.57
S SO4 H . 28.20 -17.58 -2.78
O1 SO4 H . 29.20 -18.34 -3.52
O2 SO4 H . 27.51 -18.45 -1.84
O3 SO4 H . 28.91 -16.52 -2.06
O4 SO4 H . 27.26 -16.97 -3.72
C1 EDO I . 30.63 -6.78 32.95
O1 EDO I . 31.36 -6.48 34.15
C2 EDO I . 31.61 -7.37 31.95
O2 EDO I . 32.28 -8.53 32.49
C1 EDO J . 7.45 -15.24 4.78
O1 EDO J . 7.00 -14.37 3.71
C2 EDO J . 7.29 -16.71 4.37
O2 EDO J . 8.51 -17.30 3.89
C1 EDO K . 9.72 4.98 -7.74
O1 EDO K . 10.95 4.95 -8.50
C2 EDO K . 9.14 6.39 -7.69
O2 EDO K . 9.81 7.28 -8.61
C1 EDO L . 8.12 -3.28 -6.22
O1 EDO L . 6.73 -3.05 -6.50
C2 EDO L . 8.74 -1.98 -5.70
O2 EDO L . 8.22 -1.79 -4.39
C1 EDO M . -13.30 7.76 -7.70
O1 EDO M . -14.47 7.86 -6.88
C2 EDO M . -12.17 8.63 -7.17
O2 EDO M . -11.27 7.78 -6.46
C1 EDO N . -28.21 23.96 -16.58
O1 EDO N . -27.76 25.26 -16.94
C2 EDO N . -27.01 23.03 -16.58
O2 EDO N . -25.98 23.62 -15.78
S SO4 O . -29.66 4.68 -25.46
O1 SO4 O . -29.90 3.25 -25.60
O2 SO4 O . -30.89 5.41 -25.27
O3 SO4 O . -28.81 5.01 -24.34
O4 SO4 O . -29.04 5.12 -26.70
S SO4 P . -4.37 -12.72 -19.51
O1 SO4 P . -4.38 -13.80 -18.50
O2 SO4 P . -5.00 -13.14 -20.75
O3 SO4 P . -3.01 -12.39 -19.85
O4 SO4 P . -5.07 -11.54 -18.98
N1 FFO Q . 1.32 -10.27 -23.46
C2 FFO Q . 1.80 -9.50 -22.47
NA2 FFO Q . 2.48 -10.11 -21.48
N3 FFO Q . 1.61 -8.15 -22.44
C4 FFO Q . 0.93 -7.51 -23.42
O4 FFO Q . 0.75 -6.28 -23.42
C4A FFO Q . 0.37 -8.31 -24.53
N5 FFO Q . -0.30 -7.69 -25.63
C6 FFO Q . -0.31 -8.54 -26.87
C7 FFO Q . -0.65 -10.01 -26.58
N8 FFO Q . 0.17 -10.56 -25.50
C8A FFO Q . 0.63 -9.77 -24.49
C9 FFO Q . 1.06 -8.47 -27.55
N10 FFO Q . 1.65 -7.13 -27.41
C11 FFO Q . 5.68 -6.21 -26.81
C12 FFO Q . 4.75 -5.19 -27.08
C13 FFO Q . 3.40 -5.49 -27.28
C14 FFO Q . 2.96 -6.84 -27.22
C15 FFO Q . 3.90 -7.86 -26.95
C16 FFO Q . 5.24 -7.54 -26.76
C FFO Q . 7.15 -5.91 -26.60
O FFO Q . 7.89 -6.86 -26.32
N FFO Q . 7.64 -4.68 -26.77
CA FFO Q . 9.05 -4.36 -26.54
CB FFO Q . 9.96 -4.72 -27.71
CG FFO Q . 9.49 -4.02 -28.97
CD FFO Q . 10.37 -4.43 -30.13
OE1 FFO Q . 10.14 -5.55 -30.65
OE2 FFO Q . 11.30 -3.66 -30.53
CT FFO Q . 9.28 -2.93 -26.12
O1 FFO Q . 10.40 -2.59 -25.68
O2 FFO Q . 8.35 -2.11 -26.20
C5A FFO Q . -1.51 -7.06 -25.32
O5B FFO Q . -1.84 -6.10 -26.00
S SO4 R . 17.91 4.05 -28.30
O1 SO4 R . 18.07 3.05 -29.35
O2 SO4 R . 16.50 4.14 -27.97
O3 SO4 R . 18.70 3.68 -27.12
O4 SO4 R . 18.36 5.38 -28.76
C1 EDO S . -15.26 2.28 -43.61
O1 EDO S . -15.10 3.10 -44.77
C2 EDO S . -16.72 2.17 -43.12
O2 EDO S . -17.69 2.36 -44.17
C1 EDO T . 1.11 -2.59 -46.92
O1 EDO T . 0.69 -1.55 -46.02
C2 EDO T . 2.53 -2.28 -47.23
O2 EDO T . 3.13 -2.53 -45.99
#